data_5MQS
#
_entry.id   5MQS
#
_cell.length_a   126.433
_cell.length_b   318.194
_cell.length_c   90.579
_cell.angle_alpha   90.00
_cell.angle_beta   90.00
_cell.angle_gamma   90.00
#
_symmetry.space_group_name_H-M   'C 2 2 21'
#
loop_
_entity.id
_entity.type
_entity.pdbx_description
1 polymer Beta-L-arabinobiosidase
2 non-polymer alpha-L-arabinofuranose
3 non-polymer 'SODIUM ION'
4 non-polymer 'CALCIUM ION'
5 water water
#
_entity_poly.entity_id   1
_entity_poly.type   'polypeptide(L)'
_entity_poly.pdbx_seq_one_letter_code
;MGSSHHHHHHSSGPQQGLRQAQTPQDRIHYTGKELSNPTYHDGQLSPVVGVHNIQLVRANREHPEASNGNGWTYNHQPML
AYWNGQFYYQYLADPSDEHVPPSQTFLMTSKDGYQWTNPEIVFPPYKVPDGYTKESRPGMQAKDLIAIMHQRVGFYVSKS
GRLITMGNYGVALDKKDDPNDGNGIGRVVREIKKDGSFGPIYFIYYNHGFNEKNTDYPYFKKSKDREFVKACQEILDNPL
YMMQWVEEADREDPIIPLKKGYKAFNCYTLPDGRIASLWKHALTSISEDGGHTWAEPVLRAKGFVNSNAKIWGQRLSDGT
YATVYNPSEFRWPLAISLSKDGLEYTTLNLVHGEITPMRYGGNYKSYGPQ(PTR)PRGIQEGNGVPADGDLWVSYSVNKE
DMWISRIPVPVQINASAHADDDFSKSGSIAELTNWNIYSPVWAPVSLEGEWLKLQDKDPFDYAKVERKIPASKELKVSFD
LSAGQNDKGILQIDFLDENSIACSRLELTPDGIFRMKGGSRFANMMNYEAGKTYHVEAVLSTADRNIQVYVDGKRVGLRM
FYAPVATIERIVFRTGEMRTFPTVDTPADQTYDLPDAGGQEPLAEYRIANVKTSSTDKDASSAFLKYADFSHYAESFNGM
EDENIVQAIPNAKASEWMEENIPLFECPQRNFEEMYYYRWWSLRKHIKETPVGYGMTEFLVQRSYSDKYNLIACAIGHHI
YESRWLRDPKYLDQIIHTWYRGNDGGPMKKMDKFSSWNADAVLARYMVDGDKDFMLDMTKDLETEYQRWERTNRLKNGLY
WQGDVQDGMEESISGGRNKKYARPTINSYMYGNAKALSIMGILSGDEGMAMRYGMRADTLKSLVENDLWNTRHQFFETMR
TDSSANVREAIGYIPWYFNLPDTTKKYEVAWKEIMDEKGFSAPYGLTTAERRHPEFRTRGVGKCEWDGAIWPFASAQTLT
AMANFMNNYPQTVLSDSVYFRQMELYVESQYHRGRPYIGEYLDEVTGYWLKGDQERSRYYNHSTFNDLMITGLIGLRPRL
DDTIEINPLIPADKWDWFCLDNVLYHGHNLTILWDKNGDRYHCGKGLRIFVNGKEAGHADTLTRLVCENALK
;
_entity_poly.pdbx_strand_id   A
#
# COMPACT_ATOMS: atom_id res chain seq x y z
N ASP A 26 6.77 -16.65 -20.60
CA ASP A 26 7.98 -16.72 -21.46
C ASP A 26 9.36 -16.71 -20.72
N ARG A 27 9.80 -15.58 -20.10
CA ARG A 27 11.09 -15.51 -19.30
C ARG A 27 11.11 -14.50 -18.14
N ILE A 28 11.86 -14.78 -17.08
CA ILE A 28 12.01 -13.77 -16.01
C ILE A 28 12.75 -12.53 -16.56
N HIS A 29 12.31 -11.32 -16.16
CA HIS A 29 12.94 -10.06 -16.58
C HIS A 29 12.69 -8.90 -15.61
N TYR A 30 13.49 -7.83 -15.74
CA TYR A 30 13.37 -6.63 -14.90
C TYR A 30 13.09 -5.38 -15.74
N THR A 31 12.03 -4.67 -15.40
CA THR A 31 11.56 -3.49 -16.13
C THR A 31 11.57 -2.23 -15.30
N GLY A 32 11.86 -2.35 -14.00
CA GLY A 32 12.03 -1.19 -13.14
C GLY A 32 13.20 -0.34 -13.61
N LYS A 33 13.09 0.96 -13.32
CA LYS A 33 14.12 1.92 -13.72
C LYS A 33 15.20 2.06 -12.65
N GLU A 34 14.93 1.53 -11.45
CA GLU A 34 15.75 1.75 -10.27
C GLU A 34 17.03 0.92 -10.34
N LEU A 35 18.16 1.59 -10.11
CA LEU A 35 19.46 0.97 -10.17
C LEU A 35 20.14 1.01 -8.81
N SER A 36 21.16 0.20 -8.62
CA SER A 36 21.92 0.19 -7.37
C SER A 36 23.30 0.75 -7.66
N ASN A 37 23.68 1.76 -6.88
CA ASN A 37 24.94 2.44 -7.06
C ASN A 37 26.03 1.83 -6.17
N PRO A 38 27.05 1.19 -6.77
CA PRO A 38 28.06 0.48 -5.96
C PRO A 38 29.12 1.31 -5.18
N THR A 39 29.18 2.64 -5.40
CA THR A 39 30.02 3.51 -4.52
C THR A 39 29.44 3.64 -3.09
N TYR A 40 28.18 3.24 -2.90
CA TYR A 40 27.54 3.14 -1.59
C TYR A 40 27.36 1.66 -1.23
N HIS A 41 27.54 1.36 0.05
CA HIS A 41 27.35 0.00 0.57
C HIS A 41 25.94 -0.52 0.47
N ASP A 42 24.98 0.36 0.75
CA ASP A 42 23.55 0.04 0.62
C ASP A 42 22.97 0.31 -0.76
N GLY A 43 23.80 0.77 -1.69
CA GLY A 43 23.36 1.02 -3.06
C GLY A 43 22.50 2.25 -3.31
N GLN A 44 22.23 3.05 -2.27
CA GLN A 44 21.17 4.07 -2.28
C GLN A 44 19.77 3.48 -2.54
N LEU A 45 19.63 2.21 -2.15
CA LEU A 45 18.33 1.53 -2.15
C LEU A 45 17.72 1.78 -0.78
N SER A 46 16.53 2.41 -0.77
CA SER A 46 15.71 2.48 0.44
C SER A 46 15.22 1.06 0.70
N PRO A 47 15.19 0.62 1.95
CA PRO A 47 14.77 -0.75 2.19
C PRO A 47 13.27 -0.89 2.11
N VAL A 48 12.79 -2.13 2.00
CA VAL A 48 11.37 -2.39 2.26
C VAL A 48 11.15 -2.33 3.75
N VAL A 49 9.88 -2.26 4.15
CA VAL A 49 9.49 -2.04 5.56
C VAL A 49 9.63 -3.29 6.45
N GLY A 50 10.30 -3.11 7.59
CA GLY A 50 10.29 -4.09 8.65
C GLY A 50 11.25 -5.24 8.50
N VAL A 51 12.32 -5.02 7.73
CA VAL A 51 13.28 -6.05 7.41
C VAL A 51 14.21 -6.21 8.61
N HIS A 52 14.30 -7.42 9.17
CA HIS A 52 15.23 -7.69 10.27
C HIS A 52 16.45 -8.49 9.83
N ASN A 53 17.62 -7.88 9.99
CA ASN A 53 18.90 -8.54 9.73
C ASN A 53 19.37 -9.14 11.05
N ILE A 54 19.61 -10.46 11.08
CA ILE A 54 19.96 -11.17 12.30
C ILE A 54 21.20 -12.01 12.05
N GLN A 55 22.30 -11.68 12.71
CA GLN A 55 23.53 -12.47 12.62
C GLN A 55 23.38 -13.75 13.42
N LEU A 56 23.65 -14.92 12.81
CA LEU A 56 23.62 -16.22 13.53
C LEU A 56 24.98 -16.68 14.03
N VAL A 57 26.03 -16.38 13.28
CA VAL A 57 27.35 -16.86 13.63
C VAL A 57 28.40 -15.75 13.40
N ARG A 58 29.12 -15.40 14.47
CA ARG A 58 30.21 -14.43 14.43
C ARG A 58 31.55 -15.16 14.67
N ALA A 59 32.33 -15.30 13.60
CA ALA A 59 33.62 -16.00 13.63
C ALA A 59 34.57 -15.42 14.67
N ASN A 60 35.21 -16.31 15.42
CA ASN A 60 36.24 -15.85 16.35
C ASN A 60 37.26 -16.96 16.63
N ARG A 61 38.34 -16.96 15.84
CA ARG A 61 39.48 -17.86 16.05
C ARG A 61 40.04 -17.81 17.47
N GLU A 62 40.28 -16.59 17.92
CA GLU A 62 40.98 -16.34 19.18
C GLU A 62 40.21 -16.81 20.42
N HIS A 63 38.89 -16.87 20.34
CA HIS A 63 38.07 -17.30 21.45
C HIS A 63 37.07 -18.27 20.89
N PRO A 64 37.55 -19.48 20.54
CA PRO A 64 36.65 -20.49 19.96
C PRO A 64 35.61 -20.96 20.97
N GLU A 65 34.42 -21.28 20.46
CA GLU A 65 33.28 -21.57 21.30
C GLU A 65 32.32 -22.43 20.49
N ALA A 66 31.36 -23.07 21.13
CA ALA A 66 30.36 -23.86 20.38
C ALA A 66 29.61 -22.95 19.41
N SER A 67 29.29 -21.74 19.87
CA SER A 67 28.39 -20.85 19.17
C SER A 67 28.97 -20.18 17.95
N ASN A 68 30.28 -20.27 17.73
CA ASN A 68 30.90 -19.73 16.49
C ASN A 68 31.60 -20.83 15.65
N GLY A 69 31.20 -22.09 15.88
CA GLY A 69 31.73 -23.26 15.19
C GLY A 69 33.17 -23.59 15.54
N ASN A 70 33.55 -23.27 16.78
CA ASN A 70 34.93 -23.49 17.32
C ASN A 70 36.04 -22.79 16.53
N GLY A 71 35.79 -21.52 16.19
CA GLY A 71 36.82 -20.61 15.69
C GLY A 71 37.22 -20.76 14.23
N TRP A 72 36.37 -21.40 13.45
CA TRP A 72 36.59 -21.48 12.02
C TRP A 72 36.11 -20.13 11.50
N THR A 73 36.83 -19.59 10.50
CA THR A 73 36.59 -18.23 9.95
C THR A 73 36.17 -18.17 8.46
N TYR A 74 36.23 -19.29 7.72
CA TYR A 74 35.53 -19.41 6.44
C TYR A 74 34.20 -20.10 6.74
N ASN A 75 33.09 -19.36 6.72
CA ASN A 75 31.77 -19.92 6.94
C ASN A 75 30.92 -19.37 5.78
N HIS A 76 30.32 -20.24 4.97
CA HIS A 76 29.73 -19.79 3.72
C HIS A 76 28.60 -20.70 3.28
N GLN A 77 27.82 -20.19 2.33
CA GLN A 77 26.94 -21.01 1.49
C GLN A 77 25.89 -21.70 2.33
N PRO A 78 24.93 -20.93 2.81
CA PRO A 78 23.87 -21.46 3.65
C PRO A 78 22.68 -22.01 2.86
N MET A 79 21.88 -22.84 3.56
CA MET A 79 20.66 -23.48 3.06
C MET A 79 19.62 -23.40 4.15
N LEU A 80 18.33 -23.33 3.79
CA LEU A 80 17.24 -23.10 4.76
C LEU A 80 16.00 -23.95 4.56
N ALA A 81 15.39 -24.39 5.65
CA ALA A 81 14.12 -25.14 5.62
C ALA A 81 13.33 -24.89 6.89
N TYR A 82 12.03 -25.11 6.81
CA TYR A 82 11.14 -24.97 7.97
C TYR A 82 10.45 -26.29 8.13
N TRP A 83 10.52 -26.84 9.35
CA TRP A 83 9.96 -28.16 9.60
C TRP A 83 9.66 -28.29 11.08
N ASN A 84 8.46 -28.81 11.39
CA ASN A 84 7.90 -28.85 12.76
C ASN A 84 8.09 -27.55 13.52
N GLY A 85 7.62 -26.48 12.90
CA GLY A 85 7.61 -25.16 13.52
C GLY A 85 8.98 -24.57 13.82
N GLN A 86 10.03 -25.08 13.15
CA GLN A 86 11.39 -24.68 13.46
C GLN A 86 12.16 -24.40 12.18
N PHE A 87 13.02 -23.37 12.20
CA PHE A 87 14.01 -23.16 11.14
C PHE A 87 15.16 -24.17 11.26
N TYR A 88 15.68 -24.59 10.12
CA TYR A 88 16.85 -25.42 10.04
C TYR A 88 17.76 -24.74 9.04
N TYR A 89 18.98 -24.42 9.48
CA TYR A 89 19.93 -23.59 8.75
C TYR A 89 21.27 -24.35 8.65
N GLN A 90 21.68 -24.65 7.44
CA GLN A 90 22.86 -25.45 7.18
C GLN A 90 23.87 -24.52 6.58
N TYR A 91 25.09 -24.53 7.08
CA TYR A 91 26.15 -23.80 6.41
C TYR A 91 27.37 -24.67 6.36
N LEU A 92 28.35 -24.31 5.54
CA LEU A 92 29.64 -25.02 5.52
C LEU A 92 30.82 -24.14 5.88
N ALA A 93 31.85 -24.77 6.45
CA ALA A 93 33.00 -24.05 7.01
C ALA A 93 34.29 -24.84 6.85
N ASP A 94 35.37 -24.10 6.60
CA ASP A 94 36.77 -24.58 6.71
C ASP A 94 37.39 -23.64 7.75
N PRO A 95 38.55 -24.00 8.34
CA PRO A 95 39.08 -23.14 9.40
C PRO A 95 39.40 -21.70 9.02
N SER A 96 39.79 -21.44 7.77
CA SER A 96 40.16 -20.08 7.42
C SER A 96 40.08 -19.71 5.95
N ASP A 97 40.49 -20.64 5.08
CA ASP A 97 40.67 -20.40 3.65
C ASP A 97 39.73 -21.30 2.81
N GLU A 98 39.15 -20.78 1.73
CA GLU A 98 38.27 -21.57 0.86
C GLU A 98 39.07 -22.63 0.10
N HIS A 99 38.50 -23.83 0.02
CA HIS A 99 39.15 -25.01 -0.60
C HIS A 99 40.48 -25.43 0.05
N VAL A 100 40.62 -25.13 1.35
CA VAL A 100 41.80 -25.55 2.15
C VAL A 100 41.27 -26.32 3.34
N PRO A 101 41.63 -27.62 3.43
CA PRO A 101 41.02 -28.46 4.46
C PRO A 101 41.50 -28.15 5.88
N PRO A 102 40.86 -28.69 6.91
CA PRO A 102 39.63 -29.48 6.80
C PRO A 102 38.39 -28.69 6.33
N SER A 103 37.26 -29.40 6.26
CA SER A 103 36.01 -28.83 5.79
C SER A 103 34.82 -29.66 6.24
N GLN A 104 33.82 -28.99 6.82
CA GLN A 104 32.63 -29.63 7.36
C GLN A 104 31.42 -28.76 7.13
N THR A 105 30.26 -29.31 7.44
CA THR A 105 29.01 -28.63 7.29
C THR A 105 28.28 -28.65 8.63
N PHE A 106 27.79 -27.48 9.06
CA PHE A 106 27.10 -27.26 10.36
C PHE A 106 25.57 -27.30 10.22
N LEU A 107 24.85 -27.53 11.32
CA LEU A 107 23.39 -27.33 11.38
C LEU A 107 22.97 -26.46 12.58
N MET A 108 21.93 -25.64 12.39
CA MET A 108 21.42 -24.71 13.40
C MET A 108 19.89 -24.68 13.39
N THR A 109 19.26 -24.51 14.55
CA THR A 109 17.80 -24.43 14.59
C THR A 109 17.29 -23.24 15.36
N SER A 110 16.00 -22.92 15.13
CA SER A 110 15.31 -21.85 15.86
C SER A 110 13.81 -21.97 15.67
N LYS A 111 13.04 -21.67 16.72
CA LYS A 111 11.57 -21.62 16.63
C LYS A 111 11.06 -20.33 15.99
N ASP A 112 11.76 -19.22 16.24
CA ASP A 112 11.34 -17.88 15.81
C ASP A 112 12.17 -17.22 14.70
N GLY A 113 13.39 -17.73 14.49
CA GLY A 113 14.35 -17.14 13.54
C GLY A 113 15.26 -16.03 14.08
N TYR A 114 15.15 -15.73 15.36
CA TYR A 114 16.03 -14.76 16.03
C TYR A 114 17.05 -15.41 16.96
N GLN A 115 16.55 -16.32 17.77
CA GLN A 115 17.31 -16.98 18.82
C GLN A 115 17.60 -18.37 18.30
N TRP A 116 18.88 -18.64 18.00
CA TRP A 116 19.30 -19.90 17.37
C TRP A 116 20.16 -20.75 18.29
N THR A 117 20.00 -22.07 18.16
CA THR A 117 20.84 -23.05 18.85
C THR A 117 22.24 -23.02 18.29
N ASN A 118 23.17 -23.57 19.04
CA ASN A 118 24.58 -23.56 18.64
C ASN A 118 24.86 -24.45 17.42
N PRO A 119 25.74 -23.99 16.50
CA PRO A 119 26.13 -24.79 15.32
C PRO A 119 26.60 -26.16 15.74
N GLU A 120 26.04 -27.17 15.08
CA GLU A 120 26.32 -28.56 15.37
C GLU A 120 26.91 -29.22 14.13
N ILE A 121 28.01 -29.95 14.28
CA ILE A 121 28.64 -30.61 13.14
C ILE A 121 27.68 -31.69 12.66
N VAL A 122 27.10 -31.50 11.46
CA VAL A 122 26.12 -32.46 10.87
C VAL A 122 26.73 -33.41 9.81
N PHE A 123 27.67 -32.91 9.02
CA PHE A 123 28.52 -33.77 8.19
C PHE A 123 29.99 -33.50 8.54
N PRO A 124 30.69 -34.49 9.18
CA PRO A 124 32.02 -34.19 9.69
C PRO A 124 33.04 -34.29 8.59
N PRO A 125 34.31 -33.98 8.90
CA PRO A 125 35.31 -34.03 7.84
C PRO A 125 35.55 -35.48 7.30
N TYR A 126 35.58 -35.63 5.98
CA TYR A 126 35.77 -36.95 5.35
C TYR A 126 37.21 -37.11 4.82
N LYS A 127 37.75 -38.33 4.93
CA LYS A 127 39.11 -38.65 4.47
C LYS A 127 39.14 -39.01 3.00
N VAL A 128 39.91 -38.27 2.21
CA VAL A 128 40.18 -38.65 0.82
C VAL A 128 41.07 -39.89 0.87
N PRO A 129 40.69 -41.00 0.18
CA PRO A 129 41.63 -42.13 0.17
C PRO A 129 43.06 -41.72 -0.20
N ASP A 130 44.03 -42.10 0.65
CA ASP A 130 45.46 -41.95 0.35
C ASP A 130 45.67 -42.51 -1.05
N GLY A 131 46.35 -41.75 -1.91
CA GLY A 131 46.63 -42.17 -3.30
C GLY A 131 45.60 -41.76 -4.34
N TYR A 132 44.61 -40.95 -3.94
CA TYR A 132 43.72 -40.31 -4.90
C TYR A 132 44.56 -39.43 -5.85
N THR A 133 44.17 -39.40 -7.13
CA THR A 133 44.83 -38.55 -8.13
C THR A 133 43.82 -37.85 -9.02
N LYS A 134 44.35 -36.94 -9.83
CA LYS A 134 43.62 -36.20 -10.85
C LYS A 134 44.41 -36.18 -12.16
N GLU A 135 43.69 -36.04 -13.27
CA GLU A 135 44.32 -35.77 -14.59
C GLU A 135 45.03 -34.41 -14.56
N SER A 136 44.34 -33.40 -14.05
CA SER A 136 44.87 -32.03 -13.93
C SER A 136 46.00 -31.78 -12.87
N ARG A 137 46.60 -32.83 -12.27
CA ARG A 137 47.61 -32.67 -11.22
C ARG A 137 48.66 -33.79 -11.21
N PRO A 138 49.42 -33.92 -12.31
CA PRO A 138 50.35 -35.07 -12.47
C PRO A 138 51.43 -35.03 -11.40
N GLY A 139 51.80 -36.19 -10.87
CA GLY A 139 52.82 -36.27 -9.81
C GLY A 139 52.32 -36.06 -8.37
N MET A 140 51.29 -35.24 -8.21
CA MET A 140 50.63 -35.07 -6.91
C MET A 140 49.78 -36.31 -6.63
N GLN A 141 49.62 -36.62 -5.35
CA GLN A 141 48.67 -37.65 -4.91
C GLN A 141 48.34 -37.45 -3.43
N ALA A 142 47.08 -37.64 -3.06
CA ALA A 142 46.58 -37.38 -1.71
C ALA A 142 47.28 -38.19 -0.61
N LYS A 143 47.76 -37.50 0.43
CA LYS A 143 48.28 -38.12 1.67
C LYS A 143 47.62 -37.44 2.87
N ASP A 144 46.96 -38.23 3.73
CA ASP A 144 46.25 -37.70 4.93
C ASP A 144 45.40 -36.49 4.63
N LEU A 145 44.76 -36.50 3.46
CA LEU A 145 44.09 -35.32 2.93
C LEU A 145 42.61 -35.30 3.30
N ILE A 146 42.15 -34.17 3.81
CA ILE A 146 40.74 -34.02 4.11
C ILE A 146 40.00 -33.46 2.89
N ALA A 147 38.79 -33.97 2.69
CA ALA A 147 37.92 -33.56 1.61
C ALA A 147 37.38 -32.18 1.88
N ILE A 148 37.15 -31.40 0.82
CA ILE A 148 36.39 -30.15 0.87
C ILE A 148 34.92 -30.51 0.65
N MET A 149 34.04 -29.80 1.35
CA MET A 149 32.59 -29.92 1.16
C MET A 149 32.06 -28.78 0.27
N HIS A 150 31.01 -29.08 -0.48
CA HIS A 150 30.32 -28.08 -1.29
C HIS A 150 28.95 -28.60 -1.68
N GLN A 151 27.88 -27.94 -1.25
CA GLN A 151 26.51 -28.23 -1.73
C GLN A 151 25.88 -27.00 -2.37
N ARG A 152 25.08 -27.18 -3.42
CA ARG A 152 24.17 -26.10 -3.80
C ARG A 152 22.80 -26.26 -3.16
N VAL A 153 22.58 -27.42 -2.53
CA VAL A 153 21.29 -27.81 -1.94
C VAL A 153 21.50 -28.68 -0.70
N GLY A 154 20.79 -28.32 0.38
CA GLY A 154 20.98 -28.89 1.72
C GLY A 154 19.84 -29.63 2.44
N PHE A 155 18.61 -29.53 1.94
CA PHE A 155 17.44 -30.04 2.65
C PHE A 155 16.37 -30.67 1.75
N TYR A 156 15.54 -31.52 2.33
CA TYR A 156 14.40 -32.11 1.64
C TYR A 156 13.38 -32.64 2.66
N VAL A 157 12.13 -32.20 2.53
CA VAL A 157 11.01 -32.74 3.32
C VAL A 157 10.32 -33.80 2.48
N SER A 158 10.32 -35.04 2.98
CA SER A 158 9.76 -36.16 2.23
C SER A 158 8.25 -36.15 2.33
N LYS A 159 7.64 -36.98 1.49
CA LYS A 159 6.18 -37.13 1.44
C LYS A 159 5.63 -37.63 2.75
N SER A 160 6.38 -38.50 3.45
CA SER A 160 5.99 -38.98 4.79
C SER A 160 6.46 -38.05 5.93
N GLY A 161 6.69 -36.77 5.64
CA GLY A 161 7.02 -35.76 6.65
C GLY A 161 8.38 -35.86 7.33
N ARG A 162 9.30 -36.62 6.74
CA ARG A 162 10.66 -36.77 7.32
C ARG A 162 11.59 -35.76 6.65
N LEU A 163 12.57 -35.32 7.44
CA LEU A 163 13.45 -34.24 7.03
C LEU A 163 14.83 -34.82 6.79
N ILE A 164 15.28 -34.75 5.55
CA ILE A 164 16.59 -35.23 5.16
C ILE A 164 17.45 -34.03 4.84
N THR A 165 18.65 -33.97 5.43
CA THR A 165 19.65 -32.97 5.06
C THR A 165 20.74 -33.66 4.25
N MET A 166 21.30 -32.96 3.25
CA MET A 166 22.25 -33.56 2.31
C MET A 166 23.47 -32.68 2.08
N GLY A 167 24.63 -33.33 1.90
CA GLY A 167 25.93 -32.67 1.69
C GLY A 167 26.74 -33.38 0.63
N ASN A 168 27.75 -32.73 0.07
CA ASN A 168 28.64 -33.37 -0.91
C ASN A 168 30.10 -33.24 -0.45
N TYR A 169 30.94 -34.22 -0.81
CA TYR A 169 32.40 -34.14 -0.60
C TYR A 169 33.12 -34.19 -1.94
N GLY A 170 33.93 -33.18 -2.20
CA GLY A 170 34.86 -33.16 -3.33
C GLY A 170 36.30 -33.20 -2.84
N VAL A 171 37.24 -33.12 -3.79
CA VAL A 171 38.67 -33.15 -3.45
C VAL A 171 39.42 -31.92 -3.97
N ALA A 172 40.28 -31.38 -3.09
CA ALA A 172 41.21 -30.29 -3.40
C ALA A 172 42.58 -30.72 -2.91
N LEU A 173 43.51 -30.88 -3.85
CA LEU A 173 44.90 -31.29 -3.57
C LEU A 173 45.80 -30.07 -3.33
N ASP A 174 45.25 -28.87 -3.53
CA ASP A 174 45.90 -27.62 -3.14
C ASP A 174 44.85 -26.52 -3.21
N LYS A 175 45.21 -25.31 -2.78
CA LYS A 175 44.27 -24.17 -2.73
C LYS A 175 43.66 -23.70 -4.07
N LYS A 176 44.30 -24.06 -5.19
CA LYS A 176 43.88 -23.61 -6.55
C LYS A 176 43.02 -24.68 -7.27
N ASP A 177 42.69 -25.76 -6.56
CA ASP A 177 42.02 -26.96 -7.10
C ASP A 177 40.49 -26.88 -6.99
N ASP A 178 39.81 -27.62 -7.86
CA ASP A 178 38.35 -27.63 -7.95
C ASP A 178 37.77 -28.97 -7.38
N PRO A 179 37.04 -28.90 -6.27
CA PRO A 179 36.33 -30.06 -5.75
C PRO A 179 34.90 -30.18 -6.30
N ASN A 180 34.55 -29.31 -7.23
CA ASN A 180 33.29 -29.42 -7.94
C ASN A 180 33.61 -29.65 -9.41
N ASP A 181 34.64 -30.46 -9.66
CA ASP A 181 35.11 -30.74 -11.02
C ASP A 181 34.47 -32.00 -11.58
N GLY A 182 33.72 -32.71 -10.73
CA GLY A 182 33.06 -33.95 -11.14
C GLY A 182 33.99 -35.13 -11.11
N ASN A 183 35.07 -35.00 -10.34
CA ASN A 183 35.95 -36.13 -9.98
C ASN A 183 35.93 -36.27 -8.46
N GLY A 184 34.84 -35.83 -7.81
CA GLY A 184 34.71 -35.82 -6.35
C GLY A 184 34.50 -37.20 -5.74
N ILE A 185 34.00 -37.23 -4.51
CA ILE A 185 33.76 -38.50 -3.79
C ILE A 185 32.30 -38.87 -3.93
N GLY A 186 31.43 -37.98 -3.48
CA GLY A 186 29.99 -38.18 -3.63
C GLY A 186 29.16 -37.44 -2.62
N ARG A 187 27.88 -37.76 -2.65
CA ARG A 187 26.90 -37.05 -1.89
C ARG A 187 26.33 -37.88 -0.75
N VAL A 188 26.28 -37.29 0.44
CA VAL A 188 25.75 -37.97 1.63
C VAL A 188 24.45 -37.35 2.12
N VAL A 189 23.73 -38.11 2.93
CA VAL A 189 22.48 -37.70 3.58
C VAL A 189 22.36 -38.26 4.99
N ARG A 190 21.62 -37.57 5.84
CA ARG A 190 21.18 -38.14 7.11
C ARG A 190 19.87 -37.52 7.55
N GLU A 191 19.07 -38.29 8.27
CA GLU A 191 17.79 -37.78 8.77
C GLU A 191 17.99 -36.89 9.99
N ILE A 192 17.23 -35.80 10.04
CA ILE A 192 17.06 -34.98 11.23
C ILE A 192 15.71 -35.37 11.82
N LYS A 193 15.72 -35.81 13.07
CA LYS A 193 14.50 -36.34 13.72
C LYS A 193 13.75 -35.27 14.52
N LYS A 194 12.51 -35.58 14.88
CA LYS A 194 11.64 -34.65 15.61
C LYS A 194 12.30 -34.22 16.90
N ASP A 195 12.95 -35.17 17.58
CA ASP A 195 13.60 -34.92 18.87
C ASP A 195 14.92 -34.13 18.84
N GLY A 196 15.39 -33.70 17.66
CA GLY A 196 16.66 -32.97 17.55
C GLY A 196 17.82 -33.86 17.10
N SER A 197 17.79 -35.13 17.50
CA SER A 197 18.88 -36.08 17.19
C SER A 197 18.98 -36.40 15.71
N PHE A 198 20.15 -36.87 15.31
CA PHE A 198 20.42 -37.26 13.94
C PHE A 198 20.32 -38.78 13.75
N GLY A 199 19.96 -39.20 12.52
CA GLY A 199 20.09 -40.59 12.11
C GLY A 199 21.51 -40.87 11.64
N PRO A 200 21.77 -42.09 11.16
CA PRO A 200 23.10 -42.35 10.62
C PRO A 200 23.28 -41.71 9.23
N ILE A 201 24.54 -41.62 8.82
CA ILE A 201 24.98 -40.97 7.57
C ILE A 201 25.21 -42.02 6.51
N TYR A 202 24.59 -41.82 5.36
CA TYR A 202 24.73 -42.73 4.21
C TYR A 202 25.10 -41.97 2.95
N PHE A 203 25.60 -42.68 1.94
CA PHE A 203 25.82 -42.10 0.60
C PHE A 203 24.58 -42.30 -0.26
N ILE A 204 24.16 -41.25 -0.95
CA ILE A 204 23.02 -41.27 -1.89
C ILE A 204 23.45 -41.30 -3.36
N TYR A 205 24.64 -40.75 -3.65
CA TYR A 205 25.23 -40.76 -4.99
C TYR A 205 26.75 -40.89 -4.85
N TYR A 206 27.36 -41.66 -5.75
CA TYR A 206 28.80 -41.89 -5.78
C TYR A 206 29.36 -41.26 -7.06
N ASN A 207 30.38 -40.41 -6.94
CA ASN A 207 31.13 -39.92 -8.11
C ASN A 207 31.90 -41.11 -8.72
N HIS A 208 32.36 -40.97 -9.96
CA HIS A 208 32.96 -42.10 -10.69
C HIS A 208 34.19 -42.67 -9.97
N GLY A 209 34.32 -43.99 -10.01
CA GLY A 209 35.43 -44.67 -9.34
C GLY A 209 35.28 -44.80 -7.83
N PHE A 210 34.13 -44.39 -7.28
CA PHE A 210 33.81 -44.59 -5.86
C PHE A 210 32.57 -45.48 -5.75
N ASN A 211 32.54 -46.26 -4.69
CA ASN A 211 31.50 -47.25 -4.49
C ASN A 211 31.45 -47.66 -3.00
N GLU A 212 30.63 -48.65 -2.68
CA GLU A 212 30.54 -49.16 -1.31
C GLU A 212 31.91 -49.60 -0.78
N LYS A 213 32.70 -50.30 -1.57
CA LYS A 213 33.96 -50.92 -1.08
C LYS A 213 35.07 -49.94 -0.65
N ASN A 214 35.07 -48.72 -1.20
CA ASN A 214 36.14 -47.73 -0.95
C ASN A 214 35.59 -46.37 -0.44
N THR A 215 34.53 -46.42 0.37
CA THR A 215 34.00 -45.23 1.04
C THR A 215 33.66 -45.53 2.51
N ASP A 216 33.64 -44.48 3.33
CA ASP A 216 33.55 -44.59 4.80
C ASP A 216 32.13 -44.60 5.38
N TYR A 217 31.10 -44.53 4.55
CA TYR A 217 29.72 -44.64 5.04
C TYR A 217 28.92 -45.55 4.10
N PRO A 218 27.99 -46.37 4.67
CA PRO A 218 27.26 -47.30 3.81
C PRO A 218 26.35 -46.60 2.80
N TYR A 219 25.94 -47.34 1.79
CA TYR A 219 25.00 -46.84 0.80
C TYR A 219 23.63 -46.66 1.48
N PHE A 220 22.85 -45.68 1.04
CA PHE A 220 21.56 -45.41 1.68
C PHE A 220 20.63 -46.62 1.73
N LYS A 221 20.69 -47.48 0.72
CA LYS A 221 19.76 -48.62 0.65
C LYS A 221 19.98 -49.66 1.74
N LYS A 222 21.15 -49.69 2.38
CA LYS A 222 21.42 -50.67 3.45
C LYS A 222 20.66 -50.44 4.76
N SER A 223 20.15 -49.23 4.96
CA SER A 223 19.35 -48.90 6.16
C SER A 223 18.11 -49.77 6.26
N LYS A 224 17.77 -50.17 7.48
CA LYS A 224 16.57 -50.98 7.74
C LYS A 224 15.31 -50.13 8.00
N ASP A 225 15.48 -48.82 8.03
CA ASP A 225 14.34 -47.90 7.99
C ASP A 225 13.82 -47.87 6.54
N ARG A 226 12.83 -48.72 6.26
CA ARG A 226 12.19 -48.81 4.92
C ARG A 226 11.74 -47.46 4.39
N GLU A 227 11.21 -46.62 5.27
CA GLU A 227 10.69 -45.31 4.89
C GLU A 227 11.80 -44.27 4.64
N PHE A 228 12.95 -44.43 5.32
CA PHE A 228 14.12 -43.57 5.10
C PHE A 228 14.65 -43.77 3.70
N VAL A 229 14.68 -45.02 3.23
CA VAL A 229 15.12 -45.34 1.87
C VAL A 229 14.14 -44.67 0.90
N LYS A 230 12.85 -44.93 1.08
CA LYS A 230 11.82 -44.31 0.25
C LYS A 230 11.95 -42.78 0.15
N ALA A 231 12.36 -42.16 1.26
CA ALA A 231 12.59 -40.72 1.29
C ALA A 231 13.81 -40.34 0.45
N CYS A 232 14.92 -41.05 0.65
CA CYS A 232 16.13 -40.80 -0.14
C CYS A 232 15.82 -40.97 -1.61
N GLN A 233 15.07 -42.02 -1.93
CA GLN A 233 14.72 -42.32 -3.32
C GLN A 233 13.83 -41.24 -3.95
N GLU A 234 12.98 -40.60 -3.17
CA GLU A 234 12.21 -39.46 -3.70
C GLU A 234 13.11 -38.32 -4.23
N ILE A 235 14.26 -38.12 -3.58
CA ILE A 235 15.21 -37.07 -3.98
C ILE A 235 15.77 -37.40 -5.36
N LEU A 236 16.26 -38.63 -5.52
CA LEU A 236 16.81 -39.09 -6.80
C LEU A 236 15.75 -39.03 -7.92
N ASP A 237 14.55 -39.54 -7.63
CA ASP A 237 13.43 -39.50 -8.59
C ASP A 237 12.98 -38.08 -8.91
N ASN A 238 13.13 -37.15 -7.99
CA ASN A 238 12.75 -35.74 -8.25
C ASN A 238 13.78 -34.99 -9.12
N PRO A 239 13.39 -34.60 -10.33
CA PRO A 239 14.39 -33.98 -11.22
C PRO A 239 14.80 -32.58 -10.79
N LEU A 240 13.99 -31.91 -9.97
CA LEU A 240 14.30 -30.55 -9.48
C LEU A 240 15.46 -30.55 -8.48
N TYR A 241 15.63 -31.66 -7.76
CA TYR A 241 16.80 -31.81 -6.91
C TYR A 241 18.02 -32.20 -7.73
N MET A 242 17.82 -32.99 -8.78
CA MET A 242 18.93 -33.38 -9.65
C MET A 242 19.52 -32.20 -10.43
N MET A 243 18.72 -31.16 -10.66
CA MET A 243 19.23 -29.91 -11.23
C MET A 243 20.26 -29.20 -10.35
N GLN A 244 20.16 -29.38 -9.03
CA GLN A 244 21.08 -28.76 -8.07
C GLN A 244 22.36 -29.55 -7.81
N TRP A 245 22.41 -30.79 -8.26
CA TRP A 245 23.63 -31.61 -8.17
C TRP A 245 24.57 -31.48 -9.37
N VAL A 246 24.16 -30.76 -10.43
CA VAL A 246 24.94 -30.68 -11.69
C VAL A 246 26.43 -30.31 -11.55
N GLU A 247 26.73 -29.46 -10.57
CA GLU A 247 28.07 -28.89 -10.38
C GLU A 247 29.09 -29.87 -9.82
N GLU A 248 28.64 -30.64 -8.83
CA GLU A 248 29.46 -31.57 -8.03
C GLU A 248 29.52 -32.99 -8.61
N ALA A 249 28.44 -33.40 -9.28
CA ALA A 249 28.27 -34.73 -9.83
C ALA A 249 29.18 -35.00 -11.03
N ASP A 250 29.25 -36.28 -11.45
CA ASP A 250 29.93 -36.70 -12.68
C ASP A 250 29.44 -35.80 -13.82
N ARG A 251 30.36 -35.43 -14.70
CA ARG A 251 30.01 -34.67 -15.88
C ARG A 251 29.19 -35.59 -16.80
N GLU A 252 28.18 -35.00 -17.44
CA GLU A 252 27.26 -35.72 -18.31
C GLU A 252 26.48 -36.85 -17.64
N ASP A 253 26.33 -36.85 -16.31
CA ASP A 253 25.64 -37.96 -15.65
C ASP A 253 24.17 -37.98 -16.12
N PRO A 254 23.66 -39.17 -16.57
CA PRO A 254 22.25 -39.32 -17.06
C PRO A 254 21.12 -38.82 -16.13
N ILE A 255 21.38 -38.74 -14.82
CA ILE A 255 20.37 -38.31 -13.84
C ILE A 255 20.18 -36.80 -13.79
N ILE A 256 21.09 -36.05 -14.40
CA ILE A 256 20.99 -34.59 -14.43
C ILE A 256 20.13 -34.22 -15.64
N PRO A 257 18.92 -33.63 -15.39
CA PRO A 257 18.03 -33.28 -16.51
C PRO A 257 18.69 -32.44 -17.59
N LEU A 258 19.24 -31.30 -17.21
CA LEU A 258 19.96 -30.41 -18.13
C LEU A 258 21.46 -30.47 -17.80
N LYS A 259 22.27 -30.93 -18.76
CA LYS A 259 23.67 -31.32 -18.48
C LYS A 259 24.71 -30.19 -18.46
N LYS A 260 24.44 -29.07 -19.12
CA LYS A 260 25.27 -27.85 -19.00
C LYS A 260 25.37 -27.39 -17.54
N GLY A 261 26.56 -26.93 -17.15
CA GLY A 261 26.86 -26.59 -15.76
C GLY A 261 26.50 -25.16 -15.36
N TYR A 262 25.22 -24.85 -15.39
CA TYR A 262 24.68 -23.59 -14.86
C TYR A 262 24.57 -23.69 -13.33
N LYS A 263 24.83 -22.59 -12.64
CA LYS A 263 25.26 -22.67 -11.23
C LYS A 263 24.23 -22.18 -10.21
N ALA A 264 24.06 -22.93 -9.12
CA ALA A 264 23.22 -22.51 -7.98
C ALA A 264 21.74 -22.43 -8.30
N PHE A 265 21.29 -23.40 -9.10
CA PHE A 265 19.89 -23.55 -9.48
C PHE A 265 18.97 -23.36 -8.29
N ASN A 266 17.92 -22.57 -8.50
CA ASN A 266 16.69 -22.66 -7.74
C ASN A 266 15.54 -22.41 -8.71
N CYS A 267 14.32 -22.64 -8.27
CA CYS A 267 13.14 -22.54 -9.15
C CYS A 267 11.89 -22.23 -8.35
N TYR A 268 10.82 -21.86 -9.05
CA TYR A 268 9.51 -21.68 -8.41
C TYR A 268 8.40 -21.90 -9.41
N THR A 269 7.20 -22.07 -8.87
CA THR A 269 6.02 -22.42 -9.63
C THR A 269 5.25 -21.12 -9.94
N LEU A 270 5.10 -20.84 -11.23
CA LEU A 270 4.30 -19.69 -11.72
C LEU A 270 2.79 -19.92 -11.51
N PRO A 271 1.96 -18.84 -11.58
CA PRO A 271 0.54 -19.05 -11.34
C PRO A 271 -0.13 -20.04 -12.29
N ASP A 272 0.42 -20.22 -13.51
CA ASP A 272 -0.16 -21.16 -14.48
C ASP A 272 0.26 -22.64 -14.28
N GLY A 273 1.14 -22.93 -13.33
CA GLY A 273 1.67 -24.29 -13.13
C GLY A 273 3.07 -24.57 -13.69
N ARG A 274 3.54 -23.76 -14.64
CA ARG A 274 4.90 -23.93 -15.16
C ARG A 274 5.95 -23.57 -14.10
N ILE A 275 7.16 -24.08 -14.29
CA ILE A 275 8.27 -23.83 -13.35
C ILE A 275 9.34 -22.94 -13.98
N ALA A 276 9.67 -21.84 -13.32
CA ALA A 276 10.72 -20.95 -13.77
C ALA A 276 11.97 -21.22 -12.96
N SER A 277 13.14 -21.07 -13.59
CA SER A 277 14.42 -21.33 -12.95
C SER A 277 15.31 -20.09 -12.95
N LEU A 278 16.18 -20.03 -11.94
CA LEU A 278 17.26 -19.05 -11.87
C LEU A 278 18.59 -19.74 -11.52
N TRP A 279 19.67 -19.32 -12.19
CA TRP A 279 21.03 -19.68 -11.80
C TRP A 279 21.85 -18.40 -11.65
N LYS A 280 23.13 -18.52 -11.29
CA LYS A 280 24.09 -17.39 -11.25
C LYS A 280 24.11 -16.55 -12.54
N HIS A 281 24.37 -15.24 -12.37
CA HIS A 281 24.22 -14.24 -13.46
C HIS A 281 22.76 -14.08 -13.96
N ALA A 282 21.82 -14.43 -13.08
CA ALA A 282 20.41 -14.50 -13.41
C ALA A 282 20.13 -15.13 -14.76
N LEU A 283 20.80 -16.23 -15.08
CA LEU A 283 20.33 -17.05 -16.19
C LEU A 283 18.94 -17.57 -15.80
N THR A 284 18.12 -17.90 -16.79
CA THR A 284 16.71 -18.26 -16.52
C THR A 284 16.08 -19.03 -17.67
N SER A 285 15.29 -20.03 -17.28
CA SER A 285 14.54 -20.86 -18.21
C SER A 285 13.12 -21.12 -17.69
N ILE A 286 12.46 -22.10 -18.30
CA ILE A 286 11.07 -22.48 -18.01
C ILE A 286 10.93 -24.00 -18.23
N SER A 287 10.06 -24.67 -17.48
CA SER A 287 9.78 -26.11 -17.68
C SER A 287 8.31 -26.41 -17.49
N GLU A 288 7.72 -27.05 -18.49
CA GLU A 288 6.29 -27.35 -18.52
C GLU A 288 6.10 -28.86 -18.33
N ASP A 289 7.01 -29.50 -17.61
CA ASP A 289 6.83 -30.89 -17.26
C ASP A 289 7.51 -31.23 -15.93
N GLY A 290 7.51 -30.26 -15.01
CA GLY A 290 8.07 -30.48 -13.68
C GLY A 290 9.58 -30.70 -13.55
N GLY A 291 10.33 -30.27 -14.58
CA GLY A 291 11.79 -30.16 -14.48
C GLY A 291 12.63 -31.11 -15.31
N HIS A 292 12.00 -31.98 -16.10
CA HIS A 292 12.74 -32.90 -16.95
C HIS A 292 13.41 -32.18 -18.12
N THR A 293 12.69 -31.23 -18.72
CA THR A 293 13.22 -30.41 -19.81
C THR A 293 13.05 -28.90 -19.60
N TRP A 294 13.98 -28.15 -20.22
CA TRP A 294 14.12 -26.71 -20.00
C TRP A 294 14.28 -25.94 -21.31
N ALA A 295 13.56 -24.82 -21.44
CA ALA A 295 13.50 -24.09 -22.71
C ALA A 295 14.85 -23.52 -23.04
N GLU A 296 15.40 -23.92 -24.22
CA GLU A 296 16.54 -23.27 -24.87
C GLU A 296 16.04 -21.98 -25.61
N PRO A 297 16.90 -20.99 -25.83
CA PRO A 297 18.26 -20.90 -25.28
C PRO A 297 18.21 -20.35 -23.84
N VAL A 298 19.11 -20.76 -22.95
CA VAL A 298 19.16 -20.16 -21.60
C VAL A 298 19.87 -18.81 -21.70
N LEU A 299 19.35 -17.77 -21.08
CA LEU A 299 19.96 -16.45 -21.16
C LEU A 299 19.78 -15.67 -19.87
N ARG A 300 20.60 -14.65 -19.71
CA ARG A 300 20.41 -13.72 -18.62
C ARG A 300 18.97 -13.13 -18.65
N ALA A 301 18.43 -12.92 -17.45
CA ALA A 301 17.17 -12.19 -17.29
C ALA A 301 17.40 -10.74 -17.71
N LYS A 302 16.65 -10.31 -18.72
CA LYS A 302 16.87 -8.99 -19.31
C LYS A 302 16.58 -7.95 -18.25
N GLY A 303 17.49 -6.99 -18.12
CA GLY A 303 17.32 -5.88 -17.18
C GLY A 303 17.78 -6.10 -15.76
N PHE A 304 18.00 -7.37 -15.37
CA PHE A 304 18.59 -7.70 -14.07
C PHE A 304 20.07 -7.32 -14.06
N VAL A 305 20.58 -7.11 -12.85
CA VAL A 305 21.98 -6.79 -12.57
C VAL A 305 22.45 -7.86 -11.58
N ASN A 306 23.29 -8.79 -12.03
CA ASN A 306 23.71 -9.91 -11.18
C ASN A 306 24.99 -10.52 -11.71
N SER A 307 25.71 -11.12 -10.77
CA SER A 307 27.05 -11.58 -10.96
C SER A 307 27.14 -13.00 -10.35
N ASN A 308 28.32 -13.33 -9.82
CA ASN A 308 28.64 -14.63 -9.19
C ASN A 308 27.77 -15.03 -8.05
N ALA A 309 27.31 -14.07 -7.27
CA ALA A 309 26.91 -14.37 -5.90
C ALA A 309 25.52 -15.01 -5.71
N LYS A 310 24.95 -15.60 -6.77
CA LYS A 310 23.64 -16.27 -6.76
C LYS A 310 22.51 -15.27 -6.68
N ILE A 311 21.37 -15.75 -7.17
CA ILE A 311 20.08 -15.05 -7.06
C ILE A 311 19.10 -16.07 -6.50
N TRP A 312 18.15 -15.60 -5.70
CA TRP A 312 17.13 -16.46 -5.14
C TRP A 312 15.74 -15.88 -5.43
N GLY A 313 14.88 -16.68 -6.03
CA GLY A 313 13.50 -16.27 -6.21
C GLY A 313 12.54 -17.28 -5.64
N GLN A 314 11.35 -16.82 -5.26
CA GLN A 314 10.30 -17.72 -4.82
C GLN A 314 8.95 -17.06 -4.87
N ARG A 315 7.91 -17.90 -4.78
CA ARG A 315 6.56 -17.46 -4.45
C ARG A 315 6.46 -17.11 -2.95
N LEU A 316 5.55 -16.24 -2.59
CA LEU A 316 5.37 -15.80 -1.21
C LEU A 316 3.97 -16.19 -0.79
N SER A 317 3.66 -15.99 0.49
CA SER A 317 2.39 -16.43 1.06
C SER A 317 1.20 -15.67 0.46
N ASP A 318 1.39 -14.39 0.17
CA ASP A 318 0.39 -13.59 -0.56
C ASP A 318 0.16 -13.97 -2.03
N GLY A 319 0.83 -14.99 -2.55
CA GLY A 319 0.64 -15.39 -3.95
C GLY A 319 1.45 -14.62 -4.98
N THR A 320 2.12 -13.54 -4.58
CA THR A 320 3.02 -12.81 -5.49
C THR A 320 4.42 -13.48 -5.43
N TYR A 321 5.42 -12.82 -6.01
CA TYR A 321 6.79 -13.33 -6.07
C TYR A 321 7.84 -12.28 -5.68
N ALA A 322 9.07 -12.76 -5.47
CA ALA A 322 10.20 -11.90 -5.09
C ALA A 322 11.53 -12.55 -5.42
N THR A 323 12.48 -11.73 -5.88
CA THR A 323 13.87 -12.16 -6.08
C THR A 323 14.81 -11.45 -5.07
N VAL A 324 15.80 -12.18 -4.55
CA VAL A 324 16.81 -11.61 -3.63
C VAL A 324 18.21 -11.90 -4.16
N TYR A 325 18.99 -10.83 -4.33
CA TYR A 325 20.27 -10.90 -5.03
C TYR A 325 21.12 -9.68 -4.80
N ASN A 326 22.38 -9.76 -5.24
CA ASN A 326 23.23 -8.59 -5.29
C ASN A 326 23.02 -7.92 -6.64
N PRO A 327 22.49 -6.68 -6.68
CA PRO A 327 22.34 -6.00 -7.99
C PRO A 327 23.59 -5.22 -8.37
N SER A 328 24.70 -5.92 -8.55
CA SER A 328 25.99 -5.28 -8.64
C SER A 328 26.99 -6.33 -9.08
N GLU A 329 28.02 -5.91 -9.80
CA GLU A 329 29.14 -6.80 -10.10
C GLU A 329 29.98 -7.07 -8.81
N PHE A 330 29.81 -6.21 -7.81
CA PHE A 330 30.34 -6.41 -6.48
C PHE A 330 29.23 -7.08 -5.70
N ARG A 331 29.55 -7.59 -4.51
CA ARG A 331 28.61 -8.36 -3.72
C ARG A 331 27.94 -7.50 -2.64
N TRP A 332 27.44 -6.35 -3.05
CA TRP A 332 26.70 -5.43 -2.16
C TRP A 332 25.93 -4.40 -3.02
N PRO A 333 24.77 -3.97 -2.57
CA PRO A 333 24.10 -4.48 -1.38
C PRO A 333 23.45 -5.84 -1.64
N LEU A 334 22.64 -6.32 -0.69
CA LEU A 334 21.73 -7.44 -0.92
C LEU A 334 20.33 -6.83 -1.05
N ALA A 335 19.68 -7.09 -2.19
CA ALA A 335 18.44 -6.39 -2.58
C ALA A 335 17.29 -7.33 -2.88
N ILE A 336 16.08 -6.75 -2.86
CA ILE A 336 14.83 -7.45 -3.18
C ILE A 336 14.04 -6.70 -4.26
N SER A 337 13.61 -7.48 -5.26
CA SER A 337 12.78 -7.00 -6.37
C SER A 337 11.50 -7.81 -6.32
N LEU A 338 10.36 -7.13 -6.45
CA LEU A 338 9.02 -7.76 -6.41
C LEU A 338 8.39 -7.99 -7.82
N SER A 339 7.57 -9.05 -7.93
CA SER A 339 6.74 -9.31 -9.11
C SER A 339 5.39 -9.88 -8.73
N LYS A 340 4.33 -9.47 -9.43
CA LYS A 340 2.97 -10.04 -9.25
C LYS A 340 2.71 -11.35 -10.00
N ASP A 341 3.52 -11.68 -11.02
CA ASP A 341 3.30 -12.86 -11.88
C ASP A 341 4.46 -13.86 -11.97
N GLY A 342 5.57 -13.61 -11.27
CA GLY A 342 6.80 -14.45 -11.31
C GLY A 342 7.73 -14.31 -12.52
N LEU A 343 7.38 -13.43 -13.47
CA LEU A 343 8.16 -13.17 -14.68
C LEU A 343 8.64 -11.71 -14.74
N GLU A 344 7.73 -10.74 -14.60
CA GLU A 344 8.07 -9.31 -14.75
C GLU A 344 8.33 -8.71 -13.37
N TYR A 345 9.61 -8.41 -13.09
CA TYR A 345 10.02 -7.81 -11.82
C TYR A 345 10.14 -6.27 -11.96
N THR A 346 9.39 -5.54 -11.14
CA THR A 346 9.15 -4.11 -11.34
C THR A 346 9.91 -3.19 -10.33
N THR A 347 10.29 -3.71 -9.15
CA THR A 347 10.93 -2.91 -8.06
C THR A 347 12.35 -3.35 -7.78
N LEU A 348 13.08 -2.49 -7.05
CA LEU A 348 14.41 -2.82 -6.47
C LEU A 348 14.71 -2.05 -5.19
N ASN A 349 14.72 -2.76 -4.06
CA ASN A 349 14.95 -2.16 -2.72
C ASN A 349 15.93 -3.00 -1.92
N LEU A 350 16.33 -2.46 -0.77
CA LEU A 350 17.33 -3.08 0.08
C LEU A 350 16.78 -4.17 1.00
N VAL A 351 17.59 -5.22 1.18
CA VAL A 351 17.44 -6.13 2.30
C VAL A 351 18.56 -5.88 3.32
N HIS A 352 19.79 -5.72 2.83
CA HIS A 352 20.97 -5.67 3.69
C HIS A 352 21.96 -4.75 3.00
N GLY A 353 22.22 -3.60 3.64
CA GLY A 353 23.08 -2.58 3.09
C GLY A 353 24.34 -2.37 3.87
N GLU A 354 24.53 -3.15 4.93
CA GLU A 354 25.71 -3.04 5.78
C GLU A 354 26.78 -3.97 5.23
N ILE A 355 28.03 -3.72 5.64
CA ILE A 355 29.17 -4.59 5.36
C ILE A 355 30.12 -4.59 6.56
N THR A 356 29.87 -5.53 7.47
CA THR A 356 30.84 -5.87 8.49
C THR A 356 32.19 -5.91 7.77
N PRO A 357 33.23 -5.26 8.31
CA PRO A 357 34.52 -5.41 7.68
C PRO A 357 35.07 -6.82 7.92
N MET A 358 35.82 -7.35 6.97
CA MET A 358 36.30 -8.74 7.04
C MET A 358 37.47 -8.90 8.03
N ARG A 359 37.20 -9.57 9.14
CA ARG A 359 38.16 -9.71 10.22
C ARG A 359 39.32 -10.66 9.88
N TYR A 360 38.99 -11.82 9.29
CA TYR A 360 39.97 -12.88 9.05
C TYR A 360 40.11 -13.04 7.57
N GLY A 361 41.30 -12.76 7.07
CA GLY A 361 41.66 -12.95 5.68
C GLY A 361 41.51 -14.39 5.26
N GLY A 362 41.89 -14.67 4.02
CA GLY A 362 41.85 -16.02 3.53
C GLY A 362 41.37 -16.14 2.10
N ASN A 363 41.64 -17.31 1.55
CA ASN A 363 41.53 -17.61 0.12
C ASN A 363 40.09 -17.46 -0.43
N TYR A 364 39.94 -16.76 -1.56
CA TYR A 364 38.66 -16.51 -2.27
C TYR A 364 37.53 -15.87 -1.45
N LYS A 365 37.84 -15.36 -0.26
CA LYS A 365 36.87 -14.59 0.52
C LYS A 365 36.75 -13.25 -0.16
N SER A 366 35.53 -12.73 -0.24
CA SER A 366 35.28 -11.39 -0.79
C SER A 366 34.19 -10.66 -0.03
N TYR A 367 34.25 -9.35 -0.13
CA TYR A 367 33.47 -8.48 0.74
C TYR A 367 32.00 -8.50 0.35
N GLY A 368 31.14 -8.56 1.37
CA GLY A 368 29.72 -8.18 1.26
C GLY A 368 28.75 -9.27 1.65
N PRO A 369 27.44 -8.97 1.70
CA PRO A 369 26.43 -10.00 1.92
C PRO A 369 26.21 -10.78 0.64
N GLN A 370 26.14 -12.11 0.74
CA GLN A 370 26.16 -12.95 -0.46
C GLN A 370 25.67 -14.41 -0.27
N PRO A 372 22.65 -15.62 -1.19
CA PRO A 372 21.31 -15.71 -0.68
C PRO A 372 20.65 -16.98 -1.19
N ARG A 373 19.89 -17.57 -0.31
CA ARG A 373 19.26 -18.82 -0.55
C ARG A 373 18.16 -18.91 0.49
N GLY A 374 17.01 -19.44 0.08
CA GLY A 374 15.84 -19.47 0.93
C GLY A 374 15.39 -20.89 1.03
N ILE A 375 14.08 -21.08 1.14
CA ILE A 375 13.43 -22.35 1.34
C ILE A 375 12.86 -22.82 0.01
N GLN A 376 13.25 -24.02 -0.43
CA GLN A 376 12.67 -24.59 -1.67
C GLN A 376 11.17 -24.79 -1.50
N GLU A 377 10.44 -24.93 -2.59
CA GLU A 377 9.03 -25.31 -2.51
C GLU A 377 8.87 -26.74 -1.97
N GLY A 378 7.89 -26.92 -1.08
CA GLY A 378 7.66 -28.19 -0.38
C GLY A 378 8.48 -28.42 0.87
N ASN A 379 9.41 -27.51 1.17
CA ASN A 379 10.36 -27.65 2.28
C ASN A 379 10.04 -26.76 3.45
N GLY A 380 8.85 -26.15 3.46
CA GLY A 380 8.37 -25.42 4.63
C GLY A 380 7.79 -24.07 4.32
N VAL A 381 6.74 -23.74 5.07
CA VAL A 381 6.22 -22.37 5.13
C VAL A 381 6.38 -21.87 6.57
N PRO A 382 7.29 -20.91 6.80
CA PRO A 382 7.37 -20.30 8.12
C PRO A 382 6.01 -19.71 8.56
N ALA A 383 5.58 -20.03 9.78
CA ALA A 383 4.22 -19.73 10.30
C ALA A 383 3.79 -18.28 10.14
N ASP A 384 4.72 -17.33 10.23
CA ASP A 384 4.40 -15.91 10.07
C ASP A 384 4.14 -15.45 8.64
N GLY A 385 4.32 -16.32 7.68
CA GLY A 385 4.03 -15.99 6.29
C GLY A 385 5.05 -15.09 5.59
N ASP A 386 6.13 -14.73 6.29
CA ASP A 386 7.10 -13.77 5.76
C ASP A 386 8.20 -14.47 4.97
N LEU A 387 9.01 -13.66 4.30
CA LEU A 387 10.15 -14.15 3.50
C LEU A 387 11.39 -14.16 4.35
N TRP A 388 11.93 -15.35 4.62
CA TRP A 388 13.23 -15.50 5.32
C TRP A 388 14.32 -15.94 4.37
N VAL A 389 15.46 -15.24 4.35
CA VAL A 389 16.56 -15.58 3.43
C VAL A 389 17.91 -15.63 4.12
N SER A 390 18.60 -16.77 3.96
CA SER A 390 19.88 -17.04 4.57
C SER A 390 20.95 -16.54 3.65
N TYR A 391 21.97 -15.89 4.18
CA TYR A 391 23.13 -15.45 3.40
C TYR A 391 24.35 -15.32 4.30
N SER A 392 25.54 -15.37 3.70
CA SER A 392 26.76 -15.11 4.44
C SER A 392 27.15 -13.67 4.24
N VAL A 393 28.07 -13.22 5.07
CA VAL A 393 28.74 -11.93 4.88
C VAL A 393 30.23 -12.21 4.88
N ASN A 394 30.90 -11.76 3.82
CA ASN A 394 32.34 -11.94 3.65
C ASN A 394 32.80 -13.41 3.61
N LYS A 395 31.89 -14.36 3.42
CA LYS A 395 32.16 -15.78 3.65
C LYS A 395 32.72 -16.03 5.07
N GLU A 396 32.24 -15.24 6.03
CA GLU A 396 32.85 -15.15 7.36
C GLU A 396 31.83 -15.28 8.47
N ASP A 397 30.83 -14.41 8.46
CA ASP A 397 29.70 -14.48 9.37
C ASP A 397 28.45 -15.03 8.65
N MET A 398 27.64 -15.79 9.37
CA MET A 398 26.34 -16.27 8.86
C MET A 398 25.19 -15.39 9.35
N TRP A 399 24.30 -15.03 8.42
CA TRP A 399 23.13 -14.17 8.71
C TRP A 399 21.87 -14.76 8.14
N ILE A 400 20.75 -14.27 8.63
CA ILE A 400 19.44 -14.49 8.03
C ILE A 400 18.69 -13.16 8.03
N SER A 401 17.82 -12.95 7.06
CA SER A 401 16.96 -11.76 7.08
C SER A 401 15.52 -12.17 6.95
N ARG A 402 14.65 -11.45 7.65
CA ARG A 402 13.20 -11.64 7.61
C ARG A 402 12.58 -10.42 6.96
N ILE A 403 11.72 -10.65 5.97
CA ILE A 403 11.12 -9.55 5.21
C ILE A 403 9.60 -9.73 5.25
N PRO A 404 8.88 -8.82 5.95
CA PRO A 404 7.44 -8.99 6.08
C PRO A 404 6.64 -9.01 4.77
N VAL A 405 5.78 -10.04 4.63
CA VAL A 405 4.89 -10.23 3.49
C VAL A 405 3.44 -9.89 3.94
N PRO A 406 2.65 -9.15 3.16
CA PRO A 406 3.03 -8.67 1.83
C PRO A 406 4.07 -7.58 1.93
N VAL A 407 5.02 -7.59 1.01
CA VAL A 407 6.19 -6.72 1.10
C VAL A 407 5.74 -5.31 0.84
N GLN A 408 6.11 -4.37 1.70
CA GLN A 408 5.73 -2.95 1.58
C GLN A 408 6.91 -2.02 1.34
N ILE A 409 6.79 -1.12 0.35
CA ILE A 409 7.90 -0.20 0.05
C ILE A 409 7.92 0.97 1.05
N ASN A 410 6.80 1.70 1.14
CA ASN A 410 6.72 2.93 2.00
C ASN A 410 5.80 2.78 3.19
N ALA A 411 5.95 3.71 4.11
CA ALA A 411 5.16 3.70 5.32
C ALA A 411 3.84 4.39 5.01
N SER A 412 2.74 3.67 5.21
CA SER A 412 1.42 4.25 5.04
C SER A 412 0.97 5.10 6.24
N ALA A 413 1.83 5.30 7.24
CA ALA A 413 1.42 5.90 8.50
C ALA A 413 2.61 6.32 9.36
N HIS A 414 2.56 7.55 9.89
CA HIS A 414 3.63 8.07 10.76
C HIS A 414 3.80 7.22 12.01
N ALA A 415 4.91 7.41 12.70
CA ALA A 415 5.23 6.64 13.91
C ALA A 415 4.40 7.09 15.09
N ASP A 416 3.88 6.13 15.84
CA ASP A 416 3.41 6.35 17.22
C ASP A 416 3.59 5.00 17.91
N ASP A 417 4.82 4.76 18.32
CA ASP A 417 5.26 3.45 18.72
C ASP A 417 5.44 3.42 20.20
N ASP A 418 4.72 2.52 20.85
CA ASP A 418 4.91 2.20 22.25
C ASP A 418 5.48 0.79 22.28
N PHE A 419 6.71 0.68 22.75
CA PHE A 419 7.43 -0.59 22.72
C PHE A 419 6.95 -1.61 23.76
N SER A 420 6.33 -1.14 24.85
CA SER A 420 5.81 -2.03 25.90
C SER A 420 4.64 -2.89 25.43
N LYS A 421 4.02 -2.51 24.33
CA LYS A 421 3.00 -3.34 23.68
C LYS A 421 3.60 -4.56 22.97
N SER A 422 4.92 -4.65 22.88
CA SER A 422 5.61 -5.72 22.12
C SER A 422 6.42 -6.58 23.06
N GLY A 423 6.26 -7.89 22.93
CA GLY A 423 6.93 -8.86 23.79
C GLY A 423 8.39 -9.04 23.44
N SER A 424 8.68 -9.00 22.13
CA SER A 424 10.03 -9.18 21.61
C SER A 424 10.13 -8.48 20.27
N ILE A 425 11.36 -8.21 19.81
CA ILE A 425 11.57 -7.54 18.50
C ILE A 425 10.89 -8.21 17.31
N ALA A 426 10.57 -9.50 17.44
CA ALA A 426 9.71 -10.22 16.48
C ALA A 426 8.45 -9.44 16.10
N GLU A 427 7.90 -8.66 17.03
CA GLU A 427 6.66 -7.92 16.81
C GLU A 427 6.82 -6.47 16.28
N LEU A 428 8.08 -6.04 16.04
CA LEU A 428 8.38 -4.69 15.53
C LEU A 428 8.53 -4.74 14.03
N THR A 429 7.38 -4.90 13.39
CA THR A 429 7.25 -5.02 11.94
C THR A 429 7.32 -3.65 11.24
N ASN A 430 7.40 -2.56 12.02
CA ASN A 430 7.61 -1.22 11.47
C ASN A 430 9.04 -0.76 11.52
N TRP A 431 9.84 -1.40 12.36
CA TRP A 431 11.25 -1.05 12.48
C TRP A 431 12.15 -2.00 11.67
N ASN A 432 13.13 -1.41 10.98
CA ASN A 432 14.19 -2.16 10.34
C ASN A 432 15.32 -2.31 11.33
N ILE A 433 15.83 -3.53 11.46
CA ILE A 433 16.75 -3.87 12.53
C ILE A 433 17.96 -4.60 11.93
N TYR A 434 19.14 -4.09 12.26
CA TYR A 434 20.41 -4.72 11.94
C TYR A 434 20.95 -5.12 13.28
N SER A 435 21.18 -6.42 13.48
CA SER A 435 21.47 -6.93 14.83
C SER A 435 22.59 -7.98 14.84
N PRO A 436 23.85 -7.51 14.91
CA PRO A 436 24.98 -8.43 15.12
C PRO A 436 24.96 -9.14 16.48
N VAL A 437 25.74 -10.22 16.61
CA VAL A 437 25.78 -11.01 17.86
C VAL A 437 26.33 -10.12 18.97
N TRP A 438 27.45 -9.46 18.72
CA TRP A 438 28.04 -8.58 19.74
C TRP A 438 27.65 -7.10 19.65
N ALA A 439 26.58 -6.80 18.89
CA ALA A 439 25.87 -5.51 18.96
C ALA A 439 24.36 -5.69 18.77
N PRO A 440 23.72 -6.47 19.65
CA PRO A 440 22.35 -6.93 19.47
C PRO A 440 21.29 -5.87 19.77
N VAL A 441 20.08 -6.08 19.25
CA VAL A 441 18.93 -5.21 19.48
C VAL A 441 17.85 -6.02 20.21
N SER A 442 17.57 -5.68 21.47
CA SER A 442 16.49 -6.32 22.24
C SER A 442 15.47 -5.24 22.61
N LEU A 443 14.42 -5.66 23.31
CA LEU A 443 13.50 -4.75 24.00
C LEU A 443 13.65 -4.92 25.50
N GLU A 444 13.49 -3.82 26.22
CA GLU A 444 13.47 -3.79 27.67
C GLU A 444 12.20 -3.08 28.06
N GLY A 445 11.09 -3.79 27.97
CA GLY A 445 9.77 -3.25 28.28
C GLY A 445 9.39 -2.07 27.40
N GLU A 446 9.52 -0.86 27.96
CA GLU A 446 9.20 0.41 27.25
C GLU A 446 10.27 0.87 26.25
N TRP A 447 11.47 0.29 26.33
CA TRP A 447 12.65 0.76 25.58
C TRP A 447 13.04 -0.15 24.42
N LEU A 448 13.43 0.42 23.28
CA LEU A 448 14.14 -0.30 22.23
C LEU A 448 15.63 -0.15 22.53
N LYS A 449 16.33 -1.26 22.78
CA LYS A 449 17.70 -1.22 23.30
C LYS A 449 18.71 -1.58 22.25
N LEU A 450 19.83 -0.85 22.27
CA LEU A 450 20.94 -1.04 21.36
C LEU A 450 22.20 -1.25 22.17
N GLN A 451 22.70 -2.49 22.18
CA GLN A 451 23.98 -2.83 22.80
C GLN A 451 25.06 -2.93 21.71
N ASP A 452 26.32 -2.58 22.02
CA ASP A 452 27.48 -2.67 21.10
C ASP A 452 28.77 -2.95 21.90
N LYS A 453 29.22 -4.21 21.95
CA LYS A 453 30.57 -4.57 22.46
C LYS A 453 31.50 -5.03 21.29
N ASP A 454 31.13 -4.66 20.07
CA ASP A 454 31.81 -5.10 18.84
C ASP A 454 32.66 -3.97 18.25
N PRO A 455 33.99 -4.18 18.20
CA PRO A 455 34.85 -3.18 17.55
C PRO A 455 34.58 -3.05 16.08
N PHE A 456 34.23 -4.15 15.43
CA PHE A 456 34.11 -4.17 13.97
C PHE A 456 32.69 -3.92 13.45
N ASP A 457 31.72 -3.82 14.36
CA ASP A 457 30.32 -3.69 13.98
C ASP A 457 29.51 -2.80 14.97
N TYR A 458 28.28 -2.44 14.57
CA TYR A 458 27.35 -1.62 15.36
C TYR A 458 25.92 -2.13 15.29
N ALA A 459 25.11 -1.73 16.26
CA ALA A 459 23.66 -1.96 16.20
C ALA A 459 23.06 -0.81 15.42
N LYS A 460 22.07 -1.11 14.59
CA LYS A 460 21.39 -0.07 13.86
C LYS A 460 19.92 -0.41 13.80
N VAL A 461 19.05 0.57 14.11
CA VAL A 461 17.62 0.49 13.78
C VAL A 461 17.23 1.67 12.88
N GLU A 462 16.39 1.42 11.87
CA GLU A 462 15.85 2.45 10.99
C GLU A 462 14.36 2.41 11.18
N ARG A 463 13.71 3.57 11.16
CA ARG A 463 12.26 3.66 11.21
C ARG A 463 11.82 4.39 9.96
N LYS A 464 11.21 3.63 9.06
CA LYS A 464 10.71 4.20 7.83
C LYS A 464 9.33 4.84 8.07
N ILE A 465 9.15 6.05 7.55
CA ILE A 465 7.92 6.83 7.71
C ILE A 465 7.53 7.44 6.37
N PRO A 466 6.29 8.00 6.24
CA PRO A 466 5.90 8.69 5.01
C PRO A 466 6.85 9.82 4.66
N ALA A 467 7.28 9.84 3.40
CA ALA A 467 8.19 10.85 2.87
C ALA A 467 7.54 12.20 3.09
N SER A 468 8.26 13.10 3.76
CA SER A 468 7.73 14.34 4.32
C SER A 468 8.71 15.51 4.18
N LYS A 469 8.17 16.68 3.80
CA LYS A 469 8.93 17.95 3.63
C LYS A 469 9.06 18.77 4.92
N GLU A 470 7.98 18.83 5.72
CA GLU A 470 8.05 19.32 7.12
C GLU A 470 7.86 18.11 7.99
N LEU A 471 8.72 17.97 9.01
CA LEU A 471 8.80 16.75 9.81
C LEU A 471 9.08 17.07 11.23
N LYS A 472 8.29 16.50 12.14
CA LYS A 472 8.63 16.45 13.56
C LYS A 472 8.79 14.98 13.99
N VAL A 473 9.78 14.78 14.86
CA VAL A 473 10.22 13.46 15.31
C VAL A 473 10.46 13.64 16.78
N SER A 474 9.94 12.74 17.59
CA SER A 474 10.21 12.84 19.01
C SER A 474 10.35 11.46 19.59
N PHE A 475 11.08 11.39 20.69
CA PHE A 475 11.40 10.14 21.33
C PHE A 475 12.17 10.44 22.58
N ASP A 476 12.12 9.52 23.52
CA ASP A 476 12.92 9.61 24.75
C ASP A 476 14.18 8.78 24.51
N LEU A 477 15.30 9.23 25.05
CA LEU A 477 16.63 8.69 24.80
C LEU A 477 17.36 8.52 26.12
N SER A 478 17.94 7.35 26.35
CA SER A 478 18.77 7.14 27.56
C SER A 478 20.02 6.34 27.23
N ALA A 479 21.17 6.86 27.65
CA ALA A 479 22.44 6.19 27.53
C ALA A 479 22.77 5.43 28.80
N GLY A 480 23.48 4.32 28.66
CA GLY A 480 24.08 3.61 29.79
C GLY A 480 25.48 4.06 30.12
N GLN A 481 25.97 5.12 29.47
CA GLN A 481 27.30 5.67 29.76
C GLN A 481 27.49 7.01 29.01
N ASN A 482 28.49 7.77 29.40
CA ASN A 482 28.85 9.03 28.71
C ASN A 482 30.37 9.24 28.49
N ASP A 483 31.17 8.19 28.76
CA ASP A 483 32.62 8.22 28.61
C ASP A 483 33.13 7.26 27.50
N LYS A 484 32.22 6.51 26.85
CA LYS A 484 32.57 5.48 25.85
C LYS A 484 31.48 5.30 24.76
N GLY A 485 31.87 4.71 23.63
CA GLY A 485 30.97 4.40 22.51
C GLY A 485 30.43 5.62 21.78
N ILE A 486 29.54 5.39 20.81
CA ILE A 486 28.93 6.49 20.05
C ILE A 486 27.52 6.10 19.57
N LEU A 487 26.66 7.10 19.38
CA LEU A 487 25.33 6.89 18.74
C LEU A 487 25.06 8.03 17.79
N GLN A 488 24.72 7.68 16.55
CA GLN A 488 24.43 8.64 15.52
C GLN A 488 22.96 8.51 15.14
N ILE A 489 22.33 9.67 14.97
CA ILE A 489 20.93 9.77 14.60
C ILE A 489 20.89 10.54 13.29
N ASP A 490 20.53 9.84 12.22
CA ASP A 490 20.50 10.37 10.86
C ASP A 490 19.06 10.49 10.37
N PHE A 491 18.82 11.50 9.52
CA PHE A 491 17.51 11.72 8.92
C PHE A 491 17.67 11.63 7.39
N LEU A 492 17.24 10.52 6.82
CA LEU A 492 17.55 10.18 5.44
C LEU A 492 16.41 10.31 4.44
N ASP A 493 16.81 10.50 3.19
CA ASP A 493 15.95 10.38 2.02
C ASP A 493 16.08 9.00 1.36
N GLU A 494 15.22 8.76 0.39
CA GLU A 494 15.12 7.50 -0.37
C GLU A 494 16.38 7.04 -1.11
N ASN A 495 17.38 7.93 -1.19
CA ASN A 495 18.72 7.58 -1.67
C ASN A 495 19.79 7.67 -0.57
N SER A 496 19.38 7.48 0.68
CA SER A 496 20.29 7.41 1.86
C SER A 496 21.12 8.67 2.13
N ILE A 497 20.69 9.82 1.62
CA ILE A 497 21.36 11.09 1.89
C ILE A 497 20.89 11.49 3.29
N ALA A 498 21.81 11.68 4.23
CA ALA A 498 21.48 12.19 5.54
C ALA A 498 21.45 13.72 5.47
N CYS A 499 20.32 14.35 5.80
CA CYS A 499 20.23 15.80 5.71
C CYS A 499 20.76 16.52 6.96
N SER A 500 20.66 15.89 8.12
CA SER A 500 21.51 16.23 9.29
C SER A 500 21.69 15.02 10.21
N ARG A 501 22.55 15.17 11.22
CA ARG A 501 22.93 14.06 12.12
C ARG A 501 23.08 14.57 13.53
N LEU A 502 22.68 13.77 14.51
CA LEU A 502 22.89 14.10 15.93
C LEU A 502 23.73 13.00 16.54
N GLU A 503 24.69 13.36 17.40
CA GLU A 503 25.68 12.40 17.94
C GLU A 503 25.77 12.45 19.45
N LEU A 504 25.74 11.30 20.11
CA LEU A 504 26.13 11.22 21.50
C LEU A 504 27.59 10.77 21.48
N THR A 505 28.52 11.62 21.95
CA THR A 505 29.97 11.35 21.84
C THR A 505 30.54 10.63 23.05
N PRO A 506 31.64 9.87 22.84
CA PRO A 506 32.32 9.21 23.96
C PRO A 506 33.04 10.18 24.91
N ASP A 507 33.19 11.45 24.53
CA ASP A 507 33.63 12.50 25.48
C ASP A 507 32.44 13.30 26.11
N GLY A 508 31.25 12.71 26.17
CA GLY A 508 30.12 13.22 26.97
C GLY A 508 29.19 14.30 26.42
N ILE A 509 29.13 14.48 25.11
CA ILE A 509 28.39 15.61 24.50
C ILE A 509 27.29 15.16 23.50
N PHE A 510 26.17 15.85 23.50
CA PHE A 510 25.11 15.65 22.52
C PHE A 510 25.32 16.78 21.53
N ARG A 511 25.63 16.46 20.28
CA ARG A 511 25.94 17.50 19.26
C ARG A 511 25.28 17.24 17.92
N MET A 512 25.19 18.32 17.13
CA MET A 512 24.58 18.33 15.81
C MET A 512 25.67 18.61 14.75
N LYS A 513 25.51 18.04 13.55
CA LYS A 513 26.41 18.28 12.41
C LYS A 513 25.83 19.40 11.53
N GLY A 514 26.55 20.53 11.50
CA GLY A 514 26.18 21.72 10.71
C GLY A 514 26.80 21.74 9.32
N GLY A 515 28.11 21.47 9.28
CA GLY A 515 28.82 21.15 8.04
C GLY A 515 29.97 20.22 8.35
N SER A 516 31.20 20.70 8.10
CA SER A 516 32.42 20.07 8.63
C SER A 516 32.43 20.25 10.15
N ARG A 517 32.06 21.44 10.59
CA ARG A 517 31.95 21.77 12.00
C ARG A 517 30.66 21.17 12.59
N PHE A 518 30.75 20.82 13.88
CA PHE A 518 29.61 20.40 14.67
C PHE A 518 29.16 21.56 15.53
N ALA A 519 28.04 21.36 16.22
CA ALA A 519 27.51 22.30 17.21
C ALA A 519 27.26 21.53 18.52
N ASN A 520 27.88 21.94 19.62
CA ASN A 520 27.68 21.26 20.89
C ASN A 520 26.43 21.80 21.56
N MET A 521 25.42 20.95 21.64
CA MET A 521 24.09 21.36 22.07
C MET A 521 24.01 21.37 23.57
N MET A 522 24.56 20.32 24.19
CA MET A 522 24.62 20.19 25.65
C MET A 522 25.47 18.99 26.07
N ASN A 523 25.80 18.87 27.35
CA ASN A 523 26.40 17.62 27.89
C ASN A 523 25.33 16.63 28.25
N TYR A 524 25.71 15.36 28.39
CA TYR A 524 24.74 14.34 28.75
C TYR A 524 25.29 13.39 29.81
N GLU A 525 24.35 12.68 30.43
CA GLU A 525 24.62 11.84 31.59
C GLU A 525 24.10 10.43 31.34
N ALA A 526 24.72 9.46 32.00
CA ALA A 526 24.25 8.08 31.94
C ALA A 526 22.97 7.93 32.73
N GLY A 527 22.19 6.91 32.39
CA GLY A 527 20.99 6.54 33.14
C GLY A 527 19.92 7.60 33.31
N LYS A 528 19.81 8.53 32.37
CA LYS A 528 18.91 9.68 32.49
C LYS A 528 18.08 9.81 31.22
N THR A 529 16.76 9.87 31.38
CA THR A 529 15.84 10.00 30.23
C THR A 529 15.84 11.46 29.72
N TYR A 530 15.93 11.64 28.41
CA TYR A 530 15.94 12.95 27.79
C TYR A 530 14.86 12.94 26.73
N HIS A 531 13.90 13.86 26.81
CA HIS A 531 12.89 13.97 25.74
C HIS A 531 13.44 14.79 24.57
N VAL A 532 13.74 14.09 23.48
CA VAL A 532 14.26 14.72 22.27
C VAL A 532 13.11 14.96 21.30
N GLU A 533 13.03 16.17 20.79
CA GLU A 533 12.14 16.52 19.69
C GLU A 533 12.97 17.24 18.62
N ALA A 534 12.93 16.71 17.40
CA ALA A 534 13.63 17.30 16.25
C ALA A 534 12.60 17.83 15.25
N VAL A 535 12.75 19.10 14.84
CA VAL A 535 11.85 19.75 13.89
C VAL A 535 12.66 20.10 12.64
N LEU A 536 12.43 19.35 11.56
CA LEU A 536 13.17 19.53 10.32
C LEU A 536 12.26 20.13 9.25
N SER A 537 12.83 21.01 8.43
CA SER A 537 12.13 21.60 7.29
C SER A 537 13.01 21.59 6.05
N THR A 538 12.57 20.88 5.02
CA THR A 538 13.23 20.93 3.70
C THR A 538 13.27 22.34 3.10
N ALA A 539 12.11 22.97 2.99
CA ALA A 539 11.98 24.31 2.35
C ALA A 539 12.92 25.32 2.98
N ASP A 540 12.83 25.43 4.31
CA ASP A 540 13.74 26.26 5.10
C ASP A 540 15.17 25.67 5.25
N ARG A 541 15.31 24.37 5.03
CA ARG A 541 16.61 23.68 4.94
C ARG A 541 17.30 23.64 6.31
N ASN A 542 16.54 23.41 7.37
CA ASN A 542 17.09 23.43 8.72
C ASN A 542 16.51 22.35 9.67
N ILE A 543 17.17 22.20 10.80
CA ILE A 543 16.76 21.30 11.85
C ILE A 543 16.85 22.07 13.18
N GLN A 544 15.81 21.96 14.01
CA GLN A 544 15.86 22.47 15.40
C GLN A 544 15.69 21.30 16.34
N VAL A 545 16.47 21.28 17.42
CA VAL A 545 16.47 20.17 18.37
C VAL A 545 16.08 20.68 19.74
N TYR A 546 14.95 20.21 20.24
CA TYR A 546 14.48 20.52 21.59
C TYR A 546 14.81 19.33 22.52
N VAL A 547 15.34 19.63 23.71
CA VAL A 547 15.55 18.61 24.74
C VAL A 547 14.88 19.10 26.01
N ASP A 548 13.87 18.36 26.45
CA ASP A 548 13.02 18.73 27.60
C ASP A 548 12.36 20.09 27.43
N GLY A 549 11.79 20.34 26.25
CA GLY A 549 11.09 21.60 25.96
C GLY A 549 11.97 22.82 25.71
N LYS A 550 13.29 22.68 25.87
CA LYS A 550 14.26 23.78 25.67
C LYS A 550 14.95 23.54 24.36
N ARG A 551 15.03 24.57 23.52
CA ARG A 551 15.73 24.43 22.26
C ARG A 551 17.21 24.51 22.54
N VAL A 552 17.95 23.50 22.10
CA VAL A 552 19.39 23.38 22.38
C VAL A 552 20.31 23.41 21.14
N GLY A 553 19.74 23.30 19.94
CA GLY A 553 20.47 23.41 18.69
C GLY A 553 19.62 23.88 17.51
N LEU A 554 20.21 24.76 16.69
CA LEU A 554 19.69 25.11 15.35
C LEU A 554 20.86 25.15 14.39
N ARG A 555 20.82 24.30 13.37
CA ARG A 555 21.76 24.37 12.27
C ARG A 555 21.00 24.21 10.97
N MET A 556 21.68 24.53 9.88
CA MET A 556 21.22 24.20 8.54
C MET A 556 21.51 22.73 8.28
N PHE A 557 20.82 22.20 7.28
CA PHE A 557 21.13 20.89 6.76
C PHE A 557 22.55 20.93 6.26
N TYR A 558 23.33 19.87 6.53
CA TYR A 558 24.63 19.73 5.90
C TYR A 558 24.51 19.25 4.46
N ALA A 559 23.39 18.59 4.14
CA ALA A 559 23.06 18.12 2.79
C ALA A 559 21.58 18.29 2.48
N PRO A 560 21.22 18.94 1.36
CA PRO A 560 19.78 19.19 1.09
C PRO A 560 19.03 17.97 0.58
N VAL A 561 17.78 17.81 0.99
CA VAL A 561 16.91 16.74 0.49
C VAL A 561 15.56 17.29 -0.01
N ALA A 562 14.79 16.46 -0.70
CA ALA A 562 13.44 16.87 -1.14
C ALA A 562 12.45 16.48 -0.07
N THR A 563 12.57 15.25 0.44
CA THR A 563 11.78 14.74 1.56
C THR A 563 12.57 13.80 2.45
N ILE A 564 12.09 13.62 3.67
CA ILE A 564 12.70 12.72 4.63
C ILE A 564 11.77 11.54 4.89
N GLU A 565 12.32 10.35 4.79
CA GLU A 565 11.56 9.14 4.92
C GLU A 565 12.07 8.16 5.99
N ARG A 566 13.16 8.48 6.69
CA ARG A 566 13.76 7.52 7.60
C ARG A 566 14.51 8.19 8.73
N ILE A 567 14.36 7.63 9.93
CA ILE A 567 15.22 7.97 11.03
C ILE A 567 15.99 6.70 11.40
N VAL A 568 17.32 6.88 11.50
CA VAL A 568 18.28 5.81 11.74
C VAL A 568 18.99 6.06 13.08
N PHE A 569 19.00 5.06 13.95
CA PHE A 569 19.78 5.09 15.18
C PHE A 569 20.85 4.03 14.99
N ARG A 570 22.12 4.43 15.13
CA ARG A 570 23.28 3.55 14.87
C ARG A 570 24.38 3.74 15.90
N THR A 571 24.92 2.65 16.45
CA THR A 571 25.96 2.71 17.52
C THR A 571 27.40 2.82 16.99
N GLY A 572 27.61 3.67 15.99
CA GLY A 572 28.90 3.74 15.30
C GLY A 572 28.94 4.79 14.21
N GLU A 573 30.15 5.19 13.83
CA GLU A 573 30.32 6.00 12.63
C GLU A 573 30.14 5.07 11.45
N MET A 574 29.74 5.62 10.31
CA MET A 574 29.60 4.82 9.09
C MET A 574 30.96 4.50 8.56
N ARG A 575 31.01 3.47 7.74
CA ARG A 575 32.26 2.82 7.35
C ARG A 575 32.50 3.05 5.87
N THR A 576 33.66 3.59 5.57
CA THR A 576 34.01 3.92 4.20
C THR A 576 34.49 2.69 3.39
N PHE A 577 35.27 1.83 4.04
CA PHE A 577 35.78 0.58 3.47
C PHE A 577 34.70 -0.53 3.53
N PRO A 578 34.54 -1.39 2.52
CA PRO A 578 35.25 -1.38 1.23
C PRO A 578 34.57 -0.52 0.16
N THR A 579 35.35 -0.17 -0.88
CA THR A 579 34.86 0.58 -2.04
C THR A 579 35.08 -0.24 -3.30
N VAL A 580 34.50 0.26 -4.41
CA VAL A 580 34.68 -0.32 -5.75
C VAL A 580 36.12 -0.42 -6.22
N ASP A 581 37.02 0.38 -5.62
CA ASP A 581 38.46 0.28 -5.90
C ASP A 581 39.26 -0.60 -4.92
N THR A 582 38.61 -1.24 -3.95
CA THR A 582 39.33 -2.14 -3.02
C THR A 582 39.75 -3.41 -3.78
N PRO A 583 40.92 -3.98 -3.44
CA PRO A 583 41.27 -5.26 -4.08
C PRO A 583 40.40 -6.40 -3.53
N ALA A 584 39.92 -7.28 -4.42
CA ALA A 584 38.96 -8.34 -4.06
C ALA A 584 39.47 -9.36 -3.03
N ASP A 585 40.75 -9.74 -3.16
CA ASP A 585 41.41 -10.67 -2.26
C ASP A 585 41.98 -9.98 -1.04
N GLN A 586 41.85 -10.59 0.14
CA GLN A 586 42.38 -10.01 1.38
C GLN A 586 43.31 -11.01 2.06
N THR A 587 44.60 -10.69 2.02
CA THR A 587 45.66 -11.55 2.59
C THR A 587 45.78 -11.38 4.13
N TYR A 588 45.49 -10.20 4.66
CA TYR A 588 45.65 -9.88 6.09
C TYR A 588 44.41 -10.20 6.96
N ASP A 589 44.66 -10.55 8.23
CA ASP A 589 43.68 -10.47 9.30
C ASP A 589 43.82 -9.06 9.88
N LEU A 590 42.75 -8.52 10.46
CA LEU A 590 42.80 -7.19 11.07
C LEU A 590 43.45 -7.30 12.45
N PRO A 591 43.96 -6.18 12.98
CA PRO A 591 44.50 -6.21 14.35
C PRO A 591 43.41 -6.47 15.40
N ASP A 592 43.69 -7.40 16.31
CA ASP A 592 42.79 -7.75 17.42
C ASP A 592 41.42 -8.28 16.95
N ALA A 593 41.44 -9.08 15.88
CA ALA A 593 40.24 -9.62 15.20
C ALA A 593 39.20 -10.31 16.12
N GLY A 594 39.69 -10.95 17.18
CA GLY A 594 38.83 -11.57 18.20
C GLY A 594 38.46 -10.74 19.43
N GLY A 595 38.92 -9.48 19.49
CA GLY A 595 38.76 -8.63 20.66
C GLY A 595 37.42 -7.94 20.73
N GLN A 596 37.25 -7.12 21.77
CA GLN A 596 35.98 -6.40 22.03
C GLN A 596 36.17 -4.95 22.45
N GLU A 597 35.31 -4.04 21.98
CA GLU A 597 35.11 -2.73 22.64
C GLU A 597 34.48 -2.98 24.02
N PRO A 598 34.68 -2.03 24.96
CA PRO A 598 33.85 -2.06 26.18
C PRO A 598 32.39 -1.73 25.86
N LEU A 599 31.45 -2.42 26.51
CA LEU A 599 30.03 -2.37 26.17
C LEU A 599 29.43 -0.99 26.26
N ALA A 600 28.82 -0.51 25.19
CA ALA A 600 27.99 0.72 25.22
C ALA A 600 26.52 0.35 25.00
N GLU A 601 25.62 1.00 25.76
CA GLU A 601 24.17 0.83 25.60
C GLU A 601 23.53 2.17 25.26
N TYR A 602 22.40 2.10 24.55
CA TYR A 602 21.53 3.25 24.28
C TYR A 602 20.07 2.74 24.31
N ARG A 603 19.12 3.57 24.72
CA ARG A 603 17.68 3.22 24.71
C ARG A 603 16.80 4.34 24.12
N ILE A 604 15.75 3.95 23.38
CA ILE A 604 14.72 4.88 22.88
C ILE A 604 13.30 4.39 23.15
N ALA A 605 12.38 5.34 23.35
CA ALA A 605 10.98 5.04 23.66
C ALA A 605 10.03 6.11 23.13
N ASN A 606 8.78 5.73 22.88
CA ASN A 606 7.73 6.64 22.42
C ASN A 606 8.15 7.47 21.21
N VAL A 607 8.46 6.73 20.15
CA VAL A 607 8.87 7.33 18.90
C VAL A 607 7.58 7.76 18.19
N LYS A 608 7.41 9.08 18.10
CA LYS A 608 6.30 9.72 17.40
C LYS A 608 6.88 10.51 16.21
N THR A 609 6.22 10.48 15.06
CA THR A 609 6.52 11.41 13.97
C THR A 609 5.24 12.06 13.44
N SER A 610 5.36 13.29 12.96
CA SER A 610 4.23 14.01 12.33
C SER A 610 4.71 14.96 11.24
N SER A 611 3.80 15.31 10.33
CA SER A 611 4.09 16.26 9.25
C SER A 611 2.98 17.28 9.08
N THR A 612 3.35 18.55 8.88
CA THR A 612 2.38 19.63 8.61
C THR A 612 2.08 19.78 7.10
N ASP A 613 2.71 18.94 6.28
CA ASP A 613 2.49 18.92 4.84
C ASP A 613 1.01 18.85 4.57
N LYS A 614 0.59 19.55 3.53
CA LYS A 614 -0.82 19.70 3.28
C LYS A 614 -1.55 18.39 2.91
N ASP A 615 -0.85 17.38 2.41
CA ASP A 615 -1.45 16.07 2.13
C ASP A 615 -0.84 14.97 3.03
N ALA A 616 -0.41 15.37 4.23
CA ALA A 616 0.13 14.43 5.22
C ALA A 616 -0.91 13.42 5.69
N SER A 617 -2.17 13.84 5.65
CA SER A 617 -3.31 12.99 5.95
C SER A 617 -3.57 11.90 4.88
N SER A 618 -3.06 12.11 3.66
CA SER A 618 -3.23 11.14 2.59
C SER A 618 -2.26 9.99 2.81
N ALA A 619 -2.81 8.80 3.03
CA ALA A 619 -2.01 7.64 3.35
C ALA A 619 -1.14 7.07 2.20
N PHE A 620 -1.63 7.10 0.96
CA PHE A 620 -0.96 6.46 -0.20
C PHE A 620 -0.74 7.39 -1.40
N LEU A 621 -1.78 8.11 -1.80
CA LEU A 621 -1.70 9.07 -2.89
C LEU A 621 -1.12 10.39 -2.40
N LYS A 622 -0.45 11.09 -3.31
CA LYS A 622 0.14 12.38 -3.01
C LYS A 622 -0.29 13.34 -4.08
N TYR A 623 -0.61 14.56 -3.65
CA TYR A 623 -1.12 15.60 -4.56
C TYR A 623 -0.14 15.93 -5.68
N ALA A 624 1.17 15.85 -5.45
CA ALA A 624 2.13 16.17 -6.51
C ALA A 624 1.89 15.34 -7.81
N ASP A 625 1.46 14.08 -7.65
CA ASP A 625 1.15 13.25 -8.80
C ASP A 625 -0.12 13.64 -9.56
N PHE A 626 -0.98 14.47 -8.96
CA PHE A 626 -2.25 14.95 -9.57
C PHE A 626 -2.33 16.48 -9.72
N SER A 627 -1.24 17.16 -9.39
CA SER A 627 -1.20 18.62 -9.49
C SER A 627 -1.26 19.02 -10.93
N HIS A 628 -0.78 18.13 -11.81
CA HIS A 628 -0.83 18.41 -13.23
C HIS A 628 -2.23 18.67 -13.77
N TYR A 629 -3.26 18.08 -13.18
CA TYR A 629 -4.63 18.30 -13.68
C TYR A 629 -5.04 19.78 -13.61
N ALA A 630 -4.87 20.39 -12.44
CA ALA A 630 -5.16 21.82 -12.32
C ALA A 630 -4.33 22.67 -13.29
N GLU A 631 -3.02 22.37 -13.39
CA GLU A 631 -2.16 23.06 -14.34
C GLU A 631 -2.76 23.03 -15.75
N SER A 632 -3.19 21.86 -16.20
CA SER A 632 -3.81 21.70 -17.52
C SER A 632 -5.07 22.46 -17.69
N PHE A 633 -5.85 22.56 -16.64
CA PHE A 633 -7.12 23.25 -16.72
C PHE A 633 -6.95 24.78 -16.84
N ASN A 634 -5.95 25.35 -16.18
CA ASN A 634 -5.72 26.80 -16.30
C ASN A 634 -5.09 27.14 -17.66
N GLY A 635 -4.26 26.24 -18.17
CA GLY A 635 -3.62 26.44 -19.46
C GLY A 635 -4.55 26.26 -20.63
N MET A 636 -5.56 25.39 -20.50
CA MET A 636 -6.37 24.94 -21.65
C MET A 636 -7.32 25.98 -22.22
N GLU A 637 -7.65 26.98 -21.41
CA GLU A 637 -8.64 27.99 -21.78
C GLU A 637 -8.58 29.15 -20.80
N ASP A 638 -9.08 30.31 -21.25
CA ASP A 638 -9.06 31.55 -20.46
C ASP A 638 -9.92 31.48 -19.20
N GLU A 639 -9.60 32.36 -18.25
CA GLU A 639 -10.32 32.45 -16.99
C GLU A 639 -11.27 33.64 -17.04
N ASN A 640 -12.49 33.40 -17.47
CA ASN A 640 -13.47 34.45 -17.72
C ASN A 640 -13.89 35.28 -16.49
N ILE A 641 -14.11 34.59 -15.37
CA ILE A 641 -14.62 35.20 -14.15
C ILE A 641 -13.80 34.65 -12.98
N VAL A 642 -13.32 35.57 -12.13
CA VAL A 642 -12.55 35.23 -10.94
C VAL A 642 -13.36 35.60 -9.71
N GLN A 643 -13.53 34.67 -8.79
CA GLN A 643 -14.17 34.96 -7.50
C GLN A 643 -13.13 34.65 -6.43
N ALA A 644 -13.52 34.08 -5.31
CA ALA A 644 -12.62 34.03 -4.16
C ALA A 644 -11.27 33.33 -4.39
N ILE A 645 -11.29 32.26 -5.17
CA ILE A 645 -10.12 31.44 -5.39
C ILE A 645 -9.77 31.44 -6.88
N PRO A 646 -8.86 32.34 -7.30
CA PRO A 646 -8.47 32.35 -8.71
C PRO A 646 -7.71 31.10 -9.16
N ASN A 647 -7.66 30.91 -10.47
CA ASN A 647 -6.94 29.77 -11.06
C ASN A 647 -5.49 29.66 -10.56
N ALA A 648 -4.85 30.81 -10.37
CA ALA A 648 -3.46 30.84 -9.97
C ALA A 648 -3.30 30.28 -8.57
N LYS A 649 -4.35 30.33 -7.76
CA LYS A 649 -4.37 29.71 -6.42
C LYS A 649 -5.15 28.39 -6.33
N ALA A 650 -5.66 27.87 -7.45
CA ALA A 650 -6.61 26.76 -7.38
C ALA A 650 -5.90 25.47 -7.06
N SER A 651 -4.76 25.24 -7.73
CA SER A 651 -3.99 24.00 -7.54
C SER A 651 -3.64 23.86 -6.06
N GLU A 652 -3.33 24.99 -5.46
CA GLU A 652 -3.05 25.05 -4.04
C GLU A 652 -4.29 24.80 -3.16
N TRP A 653 -5.38 25.52 -3.40
CA TRP A 653 -6.66 25.26 -2.71
C TRP A 653 -7.02 23.77 -2.78
N MET A 654 -6.80 23.14 -3.93
CA MET A 654 -7.18 21.75 -4.10
C MET A 654 -6.40 20.84 -3.14
N GLU A 655 -5.07 21.01 -3.10
CA GLU A 655 -4.20 20.23 -2.21
C GLU A 655 -4.70 20.19 -0.76
N GLU A 656 -5.04 21.36 -0.24
CA GLU A 656 -5.60 21.53 1.12
C GLU A 656 -6.93 20.84 1.31
N ASN A 657 -7.80 20.94 0.30
CA ASN A 657 -9.21 20.61 0.46
C ASN A 657 -9.76 19.31 -0.09
N ILE A 658 -9.14 18.67 -1.10
CA ILE A 658 -9.82 17.55 -1.79
C ILE A 658 -9.35 16.14 -1.44
N PRO A 659 -10.30 15.18 -1.35
CA PRO A 659 -9.90 13.77 -1.39
C PRO A 659 -9.26 13.46 -2.73
N LEU A 660 -8.22 12.62 -2.70
CA LEU A 660 -7.48 12.26 -3.89
C LEU A 660 -8.07 10.97 -4.39
N PHE A 661 -8.17 10.86 -5.71
CA PHE A 661 -8.71 9.67 -6.35
C PHE A 661 -7.75 9.28 -7.47
N GLU A 662 -7.64 7.97 -7.73
CA GLU A 662 -7.05 7.49 -8.99
C GLU A 662 -7.64 6.18 -9.42
N CYS A 663 -7.57 5.94 -10.71
CA CYS A 663 -8.01 4.72 -11.34
C CYS A 663 -7.26 4.59 -12.66
N PRO A 664 -7.29 3.41 -13.30
CA PRO A 664 -6.58 3.25 -14.57
C PRO A 664 -7.24 3.95 -15.74
N GLN A 665 -8.52 4.26 -15.66
CA GLN A 665 -9.23 4.92 -16.75
C GLN A 665 -9.01 6.44 -16.69
N ARG A 666 -8.46 7.00 -17.76
CA ARG A 666 -8.08 8.41 -17.86
C ARG A 666 -9.28 9.37 -17.64
N ASN A 667 -10.40 9.16 -18.34
CA ASN A 667 -11.54 10.11 -18.29
C ASN A 667 -12.17 10.31 -16.89
N PHE A 668 -12.48 9.22 -16.18
CA PHE A 668 -12.95 9.27 -14.80
C PHE A 668 -12.01 10.03 -13.90
N GLU A 669 -10.71 9.76 -14.01
CA GLU A 669 -9.72 10.42 -13.16
C GLU A 669 -9.75 11.92 -13.45
N GLU A 670 -9.67 12.28 -14.74
CA GLU A 670 -9.65 13.69 -15.17
C GLU A 670 -10.88 14.43 -14.70
N MET A 671 -12.04 13.79 -14.84
CA MET A 671 -13.28 14.42 -14.42
C MET A 671 -13.29 14.67 -12.93
N TYR A 672 -12.75 13.73 -12.17
CA TYR A 672 -12.66 13.87 -10.72
C TYR A 672 -11.94 15.17 -10.34
N TYR A 673 -10.82 15.44 -10.99
CA TYR A 673 -10.06 16.62 -10.65
C TYR A 673 -10.67 17.89 -11.26
N TYR A 674 -11.23 17.80 -12.46
CA TYR A 674 -11.97 18.93 -13.08
C TYR A 674 -13.19 19.42 -12.27
N ARG A 675 -14.01 18.51 -11.77
CA ARG A 675 -15.21 18.91 -11.02
C ARG A 675 -14.94 19.63 -9.68
N TRP A 676 -13.80 19.36 -9.04
CA TRP A 676 -13.33 20.17 -7.91
C TRP A 676 -12.76 21.51 -8.37
N TRP A 677 -11.96 21.48 -9.42
CA TRP A 677 -11.41 22.70 -9.99
C TRP A 677 -12.50 23.65 -10.54
N SER A 678 -13.59 23.07 -11.08
CA SER A 678 -14.78 23.82 -11.50
C SER A 678 -15.54 24.29 -10.29
N LEU A 679 -15.87 23.37 -9.38
CA LEU A 679 -16.61 23.74 -8.17
C LEU A 679 -16.00 24.95 -7.42
N ARG A 680 -14.67 25.00 -7.32
CA ARG A 680 -14.04 26.02 -6.49
C ARG A 680 -14.22 27.43 -7.04
N LYS A 681 -14.42 27.54 -8.35
CA LYS A 681 -14.67 28.85 -8.97
C LYS A 681 -15.89 29.52 -8.34
N HIS A 682 -16.87 28.73 -7.93
CA HIS A 682 -18.11 29.24 -7.31
C HIS A 682 -18.05 29.64 -5.81
N ILE A 683 -16.97 29.33 -5.10
CA ILE A 683 -16.75 29.92 -3.78
C ILE A 683 -16.46 31.42 -4.01
N LYS A 684 -17.34 32.25 -3.46
CA LYS A 684 -17.43 33.68 -3.78
C LYS A 684 -17.41 34.50 -2.50
N GLU A 685 -16.55 35.52 -2.42
CA GLU A 685 -16.47 36.38 -1.22
C GLU A 685 -17.67 37.32 -1.14
N THR A 686 -18.26 37.46 0.04
CA THR A 686 -19.34 38.43 0.22
C THR A 686 -19.19 39.06 1.58
N PRO A 687 -19.77 40.25 1.78
CA PRO A 687 -19.75 40.92 3.08
C PRO A 687 -20.13 40.08 4.28
N VAL A 688 -21.06 39.13 4.14
CA VAL A 688 -21.53 38.30 5.27
C VAL A 688 -20.87 36.93 5.38
N GLY A 689 -19.84 36.67 4.56
CA GLY A 689 -19.16 35.38 4.52
C GLY A 689 -19.14 34.83 3.11
N TYR A 690 -18.49 33.68 2.93
CA TYR A 690 -18.49 32.98 1.63
C TYR A 690 -19.92 32.61 1.23
N GLY A 691 -20.20 32.66 -0.07
CA GLY A 691 -21.44 32.13 -0.64
C GLY A 691 -21.10 31.30 -1.86
N MET A 692 -22.03 30.44 -2.30
CA MET A 692 -21.79 29.55 -3.45
C MET A 692 -22.73 29.86 -4.62
N THR A 693 -22.12 30.26 -5.73
CA THR A 693 -22.83 30.68 -6.91
C THR A 693 -23.23 29.47 -7.75
N GLU A 694 -24.22 29.68 -8.61
CA GLU A 694 -24.64 28.67 -9.58
C GLU A 694 -24.16 29.06 -10.98
N PHE A 695 -24.55 30.25 -11.43
CA PHE A 695 -24.00 30.86 -12.65
C PHE A 695 -22.90 31.77 -12.14
N LEU A 696 -21.76 31.76 -12.84
CA LEU A 696 -20.68 32.73 -12.61
C LEU A 696 -21.07 34.14 -13.08
N VAL A 697 -21.60 34.22 -14.31
CA VAL A 697 -22.22 35.45 -14.85
C VAL A 697 -23.40 35.99 -14.05
N GLN A 698 -23.62 37.31 -14.14
CA GLN A 698 -24.68 38.00 -13.38
C GLN A 698 -26.09 37.72 -13.91
N ARG A 699 -26.83 36.92 -13.16
CA ARG A 699 -28.21 36.60 -13.52
C ARG A 699 -29.17 37.66 -12.99
N SER A 700 -30.19 37.95 -13.80
CA SER A 700 -31.14 39.03 -13.53
C SER A 700 -32.05 38.77 -12.33
N TYR A 701 -32.16 37.50 -11.91
CA TYR A 701 -33.16 37.05 -10.94
C TYR A 701 -32.50 36.47 -9.70
N SER A 702 -31.17 36.55 -9.60
CA SER A 702 -30.47 35.99 -8.44
C SER A 702 -30.73 36.87 -7.23
N ASP A 703 -30.44 36.36 -6.05
CA ASP A 703 -30.57 37.13 -4.83
C ASP A 703 -29.28 37.95 -4.71
N LYS A 704 -29.10 38.60 -3.57
CA LYS A 704 -27.81 39.17 -3.18
C LYS A 704 -26.63 38.27 -3.57
N TYR A 705 -25.54 38.91 -3.96
CA TYR A 705 -24.29 38.22 -4.32
C TYR A 705 -24.48 37.10 -5.35
N ASN A 706 -25.43 37.31 -6.27
CA ASN A 706 -25.64 36.43 -7.41
C ASN A 706 -25.96 34.97 -7.03
N LEU A 707 -26.55 34.82 -5.83
CA LEU A 707 -26.89 33.51 -5.26
C LEU A 707 -28.21 33.01 -5.82
N ILE A 708 -28.31 31.70 -6.06
CA ILE A 708 -29.57 31.13 -6.56
C ILE A 708 -29.88 29.84 -5.80
N ALA A 709 -31.11 29.72 -5.31
CA ALA A 709 -31.43 28.68 -4.34
C ALA A 709 -31.66 27.28 -4.88
N CYS A 710 -31.88 27.16 -6.18
CA CYS A 710 -32.37 25.94 -6.79
C CYS A 710 -31.55 24.69 -6.51
N ALA A 711 -30.23 24.85 -6.50
CA ALA A 711 -29.32 23.70 -6.38
C ALA A 711 -28.49 23.64 -5.05
N ILE A 712 -28.97 24.29 -4.00
CA ILE A 712 -28.26 24.34 -2.70
C ILE A 712 -28.07 22.92 -2.16
N GLY A 713 -29.05 22.05 -2.43
CA GLY A 713 -28.94 20.63 -2.14
C GLY A 713 -27.70 20.09 -2.80
N HIS A 714 -27.60 20.25 -4.10
CA HIS A 714 -26.41 19.78 -4.83
C HIS A 714 -25.09 20.37 -4.29
N HIS A 715 -25.10 21.65 -3.96
CA HIS A 715 -23.90 22.32 -3.47
C HIS A 715 -23.37 21.71 -2.17
N ILE A 716 -24.29 21.45 -1.24
CA ILE A 716 -23.96 20.86 0.07
C ILE A 716 -23.52 19.40 -0.08
N TYR A 717 -24.26 18.63 -0.86
CA TYR A 717 -23.92 17.22 -1.08
C TYR A 717 -22.49 17.04 -1.65
N GLU A 718 -22.08 17.93 -2.55
CA GLU A 718 -20.73 17.89 -3.17
C GLU A 718 -19.67 18.56 -2.26
N SER A 719 -20.01 19.70 -1.68
CA SER A 719 -19.01 20.45 -0.92
C SER A 719 -18.70 19.86 0.45
N ARG A 720 -19.54 18.96 0.96
CA ARG A 720 -19.28 18.30 2.26
C ARG A 720 -17.93 17.54 2.32
N TRP A 721 -17.41 17.14 1.16
CA TRP A 721 -16.12 16.46 1.08
C TRP A 721 -14.89 17.40 1.10
N LEU A 722 -15.10 18.71 1.04
CA LEU A 722 -14.03 19.67 1.19
C LEU A 722 -13.58 19.56 2.65
N ARG A 723 -12.25 19.51 2.87
CA ARG A 723 -11.67 19.27 4.20
C ARG A 723 -11.71 20.49 5.09
N ASP A 724 -11.44 21.68 4.54
CA ASP A 724 -11.50 22.94 5.32
C ASP A 724 -12.96 23.28 5.44
N PRO A 725 -13.50 23.22 6.65
CA PRO A 725 -14.94 23.49 6.77
C PRO A 725 -15.36 24.97 6.60
N LYS A 726 -14.44 25.92 6.62
CA LYS A 726 -14.80 27.34 6.61
C LYS A 726 -15.64 27.74 5.38
N TYR A 727 -15.39 27.06 4.27
CA TYR A 727 -16.12 27.33 3.05
C TYR A 727 -17.57 26.94 3.28
N LEU A 728 -17.85 25.64 3.37
CA LEU A 728 -19.26 25.19 3.52
C LEU A 728 -20.02 25.75 4.76
N ASP A 729 -19.31 25.94 5.87
CA ASP A 729 -19.85 26.63 7.07
C ASP A 729 -20.46 28.00 6.74
N GLN A 730 -19.70 28.79 5.99
CA GLN A 730 -20.12 30.14 5.64
C GLN A 730 -21.18 30.15 4.54
N ILE A 731 -21.04 29.23 3.57
CA ILE A 731 -21.98 29.12 2.45
C ILE A 731 -23.41 28.87 2.94
N ILE A 732 -23.52 27.98 3.93
CA ILE A 732 -24.80 27.66 4.56
C ILE A 732 -25.28 28.86 5.35
N HIS A 733 -24.46 29.33 6.28
CA HIS A 733 -24.84 30.48 7.12
C HIS A 733 -25.24 31.69 6.27
N THR A 734 -24.59 31.87 5.13
CA THR A 734 -24.91 32.98 4.21
C THR A 734 -26.33 32.86 3.62
N TRP A 735 -26.78 31.64 3.34
CA TRP A 735 -28.16 31.45 2.93
C TRP A 735 -29.11 31.79 4.08
N TYR A 736 -28.99 31.09 5.22
CA TYR A 736 -30.00 31.16 6.30
C TYR A 736 -29.87 32.38 7.23
N ARG A 737 -28.72 33.06 7.18
CA ARG A 737 -28.47 34.22 8.04
C ARG A 737 -27.79 35.41 7.35
N GLY A 738 -27.68 35.40 6.02
CA GLY A 738 -26.96 36.45 5.28
C GLY A 738 -27.69 37.76 5.01
N ASN A 739 -28.98 37.84 5.41
CA ASN A 739 -29.87 38.96 5.10
C ASN A 739 -30.45 39.60 6.38
N ASP A 740 -29.72 40.58 6.92
CA ASP A 740 -30.02 41.16 8.22
C ASP A 740 -30.32 40.08 9.26
N GLY A 741 -29.39 39.14 9.38
CA GLY A 741 -29.50 38.11 10.38
C GLY A 741 -30.23 36.86 9.92
N GLY A 742 -31.12 36.98 8.93
CA GLY A 742 -32.05 35.92 8.54
C GLY A 742 -31.85 35.35 7.14
N PRO A 743 -32.83 34.53 6.68
CA PRO A 743 -32.67 33.86 5.38
C PRO A 743 -32.73 34.82 4.18
N MET A 744 -32.05 34.45 3.10
CA MET A 744 -32.13 35.18 1.83
C MET A 744 -33.57 35.11 1.29
N LYS A 745 -34.04 36.18 0.64
CA LYS A 745 -35.46 36.26 0.20
C LYS A 745 -35.85 35.21 -0.83
N LYS A 746 -34.94 34.89 -1.74
CA LYS A 746 -35.26 34.06 -2.91
C LYS A 746 -35.13 32.56 -2.61
N MET A 747 -35.13 32.15 -1.34
CA MET A 747 -35.42 30.77 -1.00
C MET A 747 -36.91 30.49 -1.12
N ASP A 748 -37.74 31.54 -1.19
CA ASP A 748 -39.14 31.42 -1.61
C ASP A 748 -39.30 30.99 -3.10
N LYS A 749 -38.25 31.16 -3.92
CA LYS A 749 -38.29 30.91 -5.38
C LYS A 749 -37.99 29.47 -5.84
N PHE A 750 -37.36 28.63 -5.00
CA PHE A 750 -37.10 27.22 -5.38
C PHE A 750 -37.35 26.18 -4.26
N SER A 751 -37.91 25.05 -4.66
CA SER A 751 -38.18 23.98 -3.71
C SER A 751 -36.85 23.42 -3.22
N SER A 752 -36.84 23.05 -1.93
CA SER A 752 -35.61 22.77 -1.18
C SER A 752 -35.64 21.40 -0.50
N TRP A 753 -34.54 20.66 -0.58
CA TRP A 753 -34.33 19.48 0.25
C TRP A 753 -33.20 19.74 1.22
N ASN A 754 -33.05 21.00 1.63
CA ASN A 754 -31.81 21.49 2.27
C ASN A 754 -31.65 21.07 3.71
N ALA A 755 -32.72 20.59 4.33
CA ALA A 755 -32.61 20.03 5.64
C ALA A 755 -31.99 18.64 5.57
N ASP A 756 -32.40 17.86 4.57
CA ASP A 756 -31.77 16.57 4.29
C ASP A 756 -30.32 16.79 3.98
N ALA A 757 -30.02 17.84 3.21
CA ALA A 757 -28.64 18.09 2.80
C ALA A 757 -27.74 18.54 3.98
N VAL A 758 -28.27 19.29 4.94
CA VAL A 758 -27.49 19.64 6.11
C VAL A 758 -27.21 18.37 6.96
N LEU A 759 -28.19 17.48 7.08
CA LEU A 759 -27.97 16.20 7.75
C LEU A 759 -27.08 15.28 6.90
N ALA A 760 -27.07 15.43 5.59
CA ALA A 760 -26.08 14.71 4.77
C ALA A 760 -24.64 15.19 5.09
N ARG A 761 -24.47 16.50 5.34
CA ARG A 761 -23.19 17.03 5.75
C ARG A 761 -22.78 16.45 7.08
N TYR A 762 -23.69 16.43 8.06
CA TYR A 762 -23.34 15.86 9.37
C TYR A 762 -22.87 14.41 9.24
N MET A 763 -23.48 13.64 8.33
CA MET A 763 -23.05 12.25 8.14
C MET A 763 -21.62 12.10 7.61
N VAL A 764 -21.06 13.15 7.03
CA VAL A 764 -19.67 13.12 6.58
C VAL A 764 -18.68 13.76 7.57
N ASP A 765 -18.99 14.92 8.15
CA ASP A 765 -18.01 15.58 9.04
C ASP A 765 -18.15 15.18 10.51
N GLY A 766 -19.33 14.77 10.92
CA GLY A 766 -19.59 14.36 12.29
C GLY A 766 -19.85 15.50 13.25
N ASP A 767 -19.91 16.73 12.79
CA ASP A 767 -20.01 17.90 13.71
C ASP A 767 -21.45 18.19 14.24
N LYS A 768 -21.84 17.59 15.39
CA LYS A 768 -23.17 17.84 15.98
C LYS A 768 -23.46 19.34 16.08
N ASP A 769 -22.55 20.05 16.73
CA ASP A 769 -22.75 21.48 17.03
C ASP A 769 -23.15 22.31 15.83
N PHE A 770 -22.43 22.18 14.73
CA PHE A 770 -22.76 22.96 13.54
C PHE A 770 -24.20 22.68 13.13
N MET A 771 -24.56 21.40 13.04
CA MET A 771 -25.88 20.98 12.59
C MET A 771 -26.97 21.40 13.58
N LEU A 772 -26.82 21.03 14.85
CA LEU A 772 -27.85 21.33 15.86
C LEU A 772 -28.15 22.84 15.98
N ASP A 773 -27.14 23.65 15.70
CA ASP A 773 -27.26 25.11 15.57
C ASP A 773 -28.14 25.56 14.38
N MET A 774 -28.22 24.75 13.33
CA MET A 774 -29.02 25.08 12.13
C MET A 774 -30.48 24.67 12.21
N THR A 775 -30.84 23.88 13.21
CA THR A 775 -32.19 23.34 13.38
C THR A 775 -33.34 24.36 13.29
N LYS A 776 -33.30 25.43 14.10
CA LYS A 776 -34.36 26.46 14.03
C LYS A 776 -34.48 27.06 12.63
N ASP A 777 -33.32 27.42 12.07
CA ASP A 777 -33.27 27.98 10.72
C ASP A 777 -33.94 27.04 9.72
N LEU A 778 -33.74 25.73 9.92
CA LEU A 778 -34.33 24.70 9.06
C LEU A 778 -35.78 24.46 9.36
N GLU A 779 -36.19 24.58 10.62
CA GLU A 779 -37.61 24.45 10.97
C GLU A 779 -38.38 25.61 10.34
N THR A 780 -37.90 26.84 10.55
CA THR A 780 -38.46 28.03 9.88
C THR A 780 -38.73 27.73 8.38
N GLU A 781 -37.71 27.21 7.70
CA GLU A 781 -37.82 26.84 6.30
C GLU A 781 -38.91 25.79 6.04
N TYR A 782 -38.82 24.61 6.65
CA TYR A 782 -39.83 23.54 6.44
C TYR A 782 -41.24 24.09 6.62
N GLN A 783 -41.45 24.82 7.70
CA GLN A 783 -42.78 25.33 8.03
C GLN A 783 -43.29 26.37 7.04
N ARG A 784 -42.38 27.19 6.51
CA ARG A 784 -42.72 28.09 5.43
C ARG A 784 -43.26 27.29 4.23
N TRP A 785 -42.49 26.34 3.74
CA TRP A 785 -42.95 25.54 2.62
C TRP A 785 -44.29 24.85 2.89
N GLU A 786 -44.50 24.45 4.15
CA GLU A 786 -45.72 23.80 4.59
C GLU A 786 -46.92 24.73 4.54
N ARG A 787 -46.74 25.96 5.01
CA ARG A 787 -47.82 26.96 4.95
C ARG A 787 -48.18 27.36 3.50
N THR A 788 -47.16 27.65 2.70
CA THR A 788 -47.36 28.20 1.37
C THR A 788 -47.79 27.15 0.34
N ASN A 789 -47.21 25.95 0.39
CA ASN A 789 -47.23 25.03 -0.76
C ASN A 789 -47.85 23.62 -0.58
N ARG A 790 -48.85 23.49 0.30
CA ARG A 790 -49.65 22.24 0.37
C ARG A 790 -51.01 22.41 -0.29
N LEU A 791 -51.43 21.39 -1.04
CA LEU A 791 -52.83 21.22 -1.41
C LEU A 791 -53.65 20.73 -0.21
N LYS A 792 -54.97 20.70 -0.35
CA LYS A 792 -55.87 20.37 0.76
C LYS A 792 -55.84 18.90 1.16
N ASN A 793 -55.61 18.01 0.21
CA ASN A 793 -55.39 16.58 0.51
C ASN A 793 -54.09 16.26 1.27
N GLY A 794 -53.19 17.24 1.39
CA GLY A 794 -51.92 17.05 2.11
C GLY A 794 -50.69 17.14 1.22
N LEU A 795 -50.81 16.70 -0.04
CA LEU A 795 -49.68 16.72 -1.00
C LEU A 795 -49.18 18.13 -1.22
N TYR A 796 -47.86 18.26 -1.38
CA TYR A 796 -47.25 19.53 -1.78
C TYR A 796 -47.43 19.74 -3.27
N TRP A 797 -47.60 21.01 -3.64
CA TRP A 797 -47.63 21.43 -5.05
C TRP A 797 -46.44 22.30 -5.31
N GLN A 798 -45.97 22.24 -6.55
CA GLN A 798 -45.01 23.20 -7.03
C GLN A 798 -45.13 23.36 -8.53
N GLY A 799 -44.98 24.58 -8.99
CA GLY A 799 -44.88 24.81 -10.41
C GLY A 799 -43.52 24.34 -10.94
N ASP A 800 -43.53 23.61 -12.05
CA ASP A 800 -42.29 23.08 -12.67
C ASP A 800 -41.11 24.09 -12.70
N VAL A 801 -41.43 25.39 -12.83
CA VAL A 801 -40.42 26.47 -12.84
C VAL A 801 -39.66 26.57 -11.51
N GLN A 802 -40.43 26.37 -10.43
CA GLN A 802 -39.95 26.54 -9.07
C GLN A 802 -39.25 25.29 -8.55
N ASP A 803 -39.41 24.16 -9.23
CA ASP A 803 -38.44 23.04 -9.11
C ASP A 803 -37.14 23.25 -9.90
N GLY A 804 -37.08 24.32 -10.71
CA GLY A 804 -35.98 24.61 -11.62
C GLY A 804 -36.11 23.91 -12.97
N MET A 805 -37.29 23.34 -13.23
CA MET A 805 -37.52 22.45 -14.39
C MET A 805 -38.59 22.96 -15.37
N GLU A 806 -38.38 24.16 -15.89
CA GLU A 806 -39.36 24.81 -16.74
C GLU A 806 -39.56 24.09 -18.10
N GLU A 807 -40.78 24.17 -18.62
CA GLU A 807 -41.19 23.45 -19.83
C GLU A 807 -41.00 21.92 -19.71
N SER A 808 -41.41 21.36 -18.58
CA SER A 808 -41.36 19.90 -18.38
C SER A 808 -42.66 19.41 -18.89
N ILE A 809 -42.71 18.11 -19.22
CA ILE A 809 -43.88 17.50 -19.87
C ILE A 809 -45.05 17.46 -18.91
N SER A 810 -44.88 16.79 -17.77
CA SER A 810 -45.95 16.68 -16.76
C SER A 810 -46.38 18.08 -16.35
N GLY A 811 -45.39 18.87 -15.97
CA GLY A 811 -45.49 20.29 -16.03
C GLY A 811 -45.99 21.04 -14.83
N GLY A 812 -46.19 22.32 -15.12
CA GLY A 812 -46.99 23.20 -14.34
C GLY A 812 -46.48 24.61 -14.22
N ARG A 813 -46.36 25.37 -15.31
CA ARG A 813 -46.08 26.82 -15.19
C ARG A 813 -47.34 27.50 -14.66
N ASN A 814 -47.22 28.18 -13.52
CA ASN A 814 -48.36 28.73 -12.77
C ASN A 814 -49.40 27.66 -12.46
N LYS A 815 -48.94 26.44 -12.21
CA LYS A 815 -49.83 25.34 -11.82
C LYS A 815 -49.45 24.82 -10.45
N LYS A 816 -50.46 24.25 -9.80
CA LYS A 816 -50.35 23.63 -8.51
C LYS A 816 -50.67 22.16 -8.71
N TYR A 817 -49.78 21.50 -9.45
CA TYR A 817 -49.77 20.05 -9.59
C TYR A 817 -48.88 19.48 -8.50
N ALA A 818 -49.16 18.24 -8.10
CA ALA A 818 -48.43 17.58 -7.03
C ALA A 818 -47.30 16.80 -7.65
N ARG A 819 -46.14 17.45 -7.79
CA ARG A 819 -44.98 16.85 -8.44
C ARG A 819 -44.23 16.02 -7.43
N PRO A 820 -43.67 14.87 -7.85
CA PRO A 820 -42.92 14.04 -6.91
C PRO A 820 -41.60 14.66 -6.45
N THR A 821 -41.19 15.80 -7.01
CA THR A 821 -40.02 16.57 -6.55
C THR A 821 -40.23 17.05 -5.12
N ILE A 822 -40.97 18.13 -4.97
CA ILE A 822 -41.22 18.78 -3.67
C ILE A 822 -41.74 17.82 -2.61
N ASN A 823 -42.62 16.90 -2.99
CA ASN A 823 -43.13 15.90 -2.06
C ASN A 823 -42.05 14.97 -1.50
N SER A 824 -41.07 14.62 -2.33
CA SER A 824 -39.96 13.80 -1.90
C SER A 824 -38.94 14.63 -1.14
N TYR A 825 -38.68 15.86 -1.60
CA TYR A 825 -37.76 16.77 -0.91
C TYR A 825 -38.19 16.98 0.56
N MET A 826 -39.49 17.21 0.76
CA MET A 826 -40.02 17.44 2.11
C MET A 826 -40.07 16.16 2.94
N TYR A 827 -40.31 15.00 2.32
CA TYR A 827 -40.17 13.74 3.03
C TYR A 827 -38.79 13.72 3.64
N GLY A 828 -37.79 13.86 2.78
CA GLY A 828 -36.41 14.02 3.20
C GLY A 828 -36.19 15.05 4.30
N ASN A 829 -36.69 16.26 4.11
CA ASN A 829 -36.53 17.30 5.15
C ASN A 829 -37.19 16.92 6.49
N ALA A 830 -38.41 16.39 6.43
CA ALA A 830 -39.13 15.95 7.62
C ALA A 830 -38.38 14.84 8.30
N LYS A 831 -37.88 13.88 7.52
CA LYS A 831 -37.13 12.77 8.09
C LYS A 831 -35.88 13.28 8.79
N ALA A 832 -35.21 14.24 8.16
CA ALA A 832 -33.97 14.82 8.68
C ALA A 832 -34.17 15.53 9.99
N LEU A 833 -35.16 16.42 10.01
CA LEU A 833 -35.47 17.20 11.20
C LEU A 833 -35.88 16.33 12.40
N SER A 834 -36.55 15.21 12.11
CA SER A 834 -36.89 14.25 13.15
C SER A 834 -35.66 13.65 13.80
N ILE A 835 -34.63 13.36 12.99
CA ILE A 835 -33.34 12.85 13.49
C ILE A 835 -32.62 13.92 14.29
N MET A 836 -32.61 15.15 13.77
CA MET A 836 -32.07 16.28 14.50
C MET A 836 -32.75 16.44 15.84
N GLY A 837 -34.03 16.08 15.89
CA GLY A 837 -34.76 16.03 17.15
C GLY A 837 -34.26 14.99 18.16
N ILE A 838 -34.01 13.76 17.70
CA ILE A 838 -33.49 12.69 18.57
C ILE A 838 -32.13 13.11 19.13
N LEU A 839 -31.28 13.69 18.29
CA LEU A 839 -29.95 14.16 18.70
C LEU A 839 -29.98 15.48 19.47
N SER A 840 -31.00 16.31 19.24
CA SER A 840 -31.25 17.48 20.09
C SER A 840 -31.58 17.09 21.52
N GLY A 841 -32.20 15.92 21.71
CA GLY A 841 -32.81 15.54 22.99
C GLY A 841 -34.25 16.01 23.02
N ASP A 842 -34.77 16.43 21.87
CA ASP A 842 -36.10 17.01 21.76
C ASP A 842 -37.06 15.95 21.19
N GLU A 843 -37.56 15.13 22.08
CA GLU A 843 -38.40 13.99 21.73
C GLU A 843 -39.78 14.39 21.16
N GLY A 844 -40.24 15.62 21.42
CA GLY A 844 -41.41 16.17 20.75
C GLY A 844 -41.15 16.47 19.27
N MET A 845 -40.02 17.09 18.99
CA MET A 845 -39.67 17.47 17.61
C MET A 845 -39.44 16.21 16.76
N ALA A 846 -38.87 15.18 17.39
CA ALA A 846 -38.64 13.92 16.72
C ALA A 846 -39.94 13.38 16.21
N MET A 847 -40.93 13.32 17.10
CA MET A 847 -42.26 12.81 16.76
C MET A 847 -42.94 13.65 15.70
N ARG A 848 -43.07 14.95 15.99
CA ARG A 848 -43.78 15.89 15.14
C ARG A 848 -43.34 15.79 13.68
N TYR A 849 -42.03 15.89 13.45
CA TYR A 849 -41.48 15.73 12.11
C TYR A 849 -41.43 14.27 11.66
N GLY A 850 -41.28 13.34 12.60
CA GLY A 850 -41.44 11.92 12.33
C GLY A 850 -42.75 11.56 11.62
N MET A 851 -43.86 12.19 12.03
CA MET A 851 -45.17 11.91 11.44
C MET A 851 -45.36 12.64 10.13
N ARG A 852 -44.87 13.87 10.07
CA ARG A 852 -44.75 14.56 8.80
C ARG A 852 -44.07 13.69 7.74
N ALA A 853 -43.03 12.96 8.16
CA ALA A 853 -42.36 12.01 7.27
C ALA A 853 -43.30 10.88 6.85
N ASP A 854 -43.86 10.15 7.81
CA ASP A 854 -44.85 9.06 7.54
C ASP A 854 -45.93 9.49 6.58
N THR A 855 -46.49 10.69 6.82
CA THR A 855 -47.61 11.18 6.04
C THR A 855 -47.22 11.32 4.58
N LEU A 856 -46.13 12.03 4.34
CA LEU A 856 -45.67 12.28 2.97
C LEU A 856 -45.26 11.00 2.24
N LYS A 857 -44.66 10.07 2.95
CA LYS A 857 -44.37 8.74 2.40
C LYS A 857 -45.61 8.02 1.85
N SER A 858 -46.75 8.10 2.54
CA SER A 858 -47.99 7.50 2.04
C SER A 858 -48.54 8.25 0.85
N LEU A 859 -48.58 9.57 0.96
CA LEU A 859 -49.16 10.37 -0.09
C LEU A 859 -48.41 10.10 -1.39
N VAL A 860 -47.07 10.01 -1.33
CA VAL A 860 -46.32 9.64 -2.54
C VAL A 860 -46.67 8.20 -2.99
N GLU A 861 -46.47 7.22 -2.10
CA GLU A 861 -46.70 5.79 -2.40
C GLU A 861 -48.11 5.47 -2.90
N ASN A 862 -49.12 6.16 -2.35
CA ASN A 862 -50.52 5.92 -2.73
C ASN A 862 -50.98 6.81 -3.87
N ASP A 863 -50.80 8.12 -3.75
CA ASP A 863 -51.35 9.09 -4.72
C ASP A 863 -50.46 9.40 -5.93
N LEU A 864 -49.16 9.14 -5.87
CA LEU A 864 -48.24 9.49 -6.99
C LEU A 864 -47.72 8.31 -7.82
N TRP A 865 -47.79 7.09 -7.29
CA TRP A 865 -47.51 5.87 -8.06
C TRP A 865 -48.57 5.70 -9.15
N ASN A 866 -48.20 5.89 -10.41
CA ASN A 866 -49.14 5.63 -11.52
C ASN A 866 -49.16 4.12 -11.75
N THR A 867 -50.33 3.49 -11.58
CA THR A 867 -50.40 2.01 -11.52
C THR A 867 -50.43 1.33 -12.89
N ARG A 868 -50.88 2.05 -13.93
CA ARG A 868 -50.72 1.61 -15.35
C ARG A 868 -49.25 1.60 -15.72
N HIS A 869 -48.63 2.76 -15.61
CA HIS A 869 -47.21 2.92 -15.93
C HIS A 869 -46.22 2.24 -14.97
N GLN A 870 -46.64 1.97 -13.73
CA GLN A 870 -45.77 1.55 -12.64
C GLN A 870 -44.54 2.44 -12.56
N PHE A 871 -44.80 3.66 -12.11
CA PHE A 871 -43.81 4.72 -12.08
C PHE A 871 -44.32 5.92 -11.28
N PHE A 872 -43.45 6.50 -10.44
CA PHE A 872 -43.85 7.70 -9.67
C PHE A 872 -43.96 8.87 -10.62
N GLU A 873 -45.10 9.55 -10.61
CA GLU A 873 -45.34 10.63 -11.61
C GLU A 873 -46.19 11.76 -11.08
N THR A 874 -45.96 12.94 -11.64
CA THR A 874 -46.73 14.14 -11.30
C THR A 874 -48.22 13.86 -11.37
N MET A 875 -48.96 14.38 -10.40
CA MET A 875 -50.40 14.27 -10.36
C MET A 875 -50.94 15.65 -10.67
N ARG A 876 -51.57 15.79 -11.84
CA ARG A 876 -52.26 17.02 -12.20
C ARG A 876 -53.61 17.07 -11.50
N THR A 877 -54.27 18.22 -11.56
CA THR A 877 -55.45 18.51 -10.74
C THR A 877 -56.51 17.40 -10.87
N ASP A 878 -56.71 16.84 -12.06
CA ASP A 878 -57.71 15.76 -12.26
C ASP A 878 -57.18 14.32 -12.27
N SER A 879 -56.05 14.05 -12.92
CA SER A 879 -55.42 12.71 -12.86
C SER A 879 -53.89 12.76 -13.10
N SER A 880 -53.22 11.59 -13.16
CA SER A 880 -51.75 11.51 -13.35
C SER A 880 -51.39 12.15 -14.65
N ALA A 881 -50.23 12.79 -14.72
CA ALA A 881 -49.77 13.37 -15.96
C ALA A 881 -49.42 12.30 -17.01
N ASN A 882 -49.40 11.01 -16.61
CA ASN A 882 -49.19 9.91 -17.55
C ASN A 882 -47.96 10.13 -18.41
N VAL A 883 -46.84 10.39 -17.71
CA VAL A 883 -45.52 10.47 -18.31
C VAL A 883 -44.43 10.21 -17.28
N ARG A 884 -43.58 9.23 -17.61
CA ARG A 884 -42.41 8.89 -16.83
C ARG A 884 -41.34 9.93 -17.10
N GLU A 885 -40.89 10.61 -16.05
CA GLU A 885 -39.82 11.59 -16.10
C GLU A 885 -38.73 11.21 -15.07
N ALA A 886 -37.62 11.96 -15.05
CA ALA A 886 -36.47 11.66 -14.17
C ALA A 886 -36.82 11.96 -12.73
N ILE A 887 -37.73 12.90 -12.57
CA ILE A 887 -38.25 13.23 -11.27
C ILE A 887 -38.91 12.02 -10.60
N GLY A 888 -39.50 11.10 -11.36
CA GLY A 888 -40.08 9.88 -10.80
C GLY A 888 -39.13 8.95 -10.05
N TYR A 889 -37.82 9.25 -10.14
CA TYR A 889 -36.77 8.57 -9.39
C TYR A 889 -36.30 9.32 -8.15
N ILE A 890 -36.84 10.51 -7.91
CA ILE A 890 -36.45 11.29 -6.74
C ILE A 890 -36.95 10.68 -5.42
N PRO A 891 -38.07 9.93 -5.41
CA PRO A 891 -38.37 9.35 -4.09
C PRO A 891 -37.26 8.46 -3.49
N TRP A 892 -36.48 7.80 -4.35
CA TRP A 892 -35.37 6.97 -3.88
C TRP A 892 -34.13 7.77 -3.49
N TYR A 893 -34.09 9.06 -3.84
CA TYR A 893 -33.04 9.98 -3.33
C TYR A 893 -33.08 10.09 -1.83
N PHE A 894 -34.23 9.82 -1.22
CA PHE A 894 -34.39 9.86 0.21
C PHE A 894 -34.92 8.55 0.77
N ASN A 895 -34.75 7.47 0.02
CA ASN A 895 -35.21 6.16 0.46
C ASN A 895 -36.68 6.16 0.93
N LEU A 896 -37.55 6.74 0.10
CA LEU A 896 -38.98 6.81 0.39
C LEU A 896 -39.71 5.47 0.21
N PRO A 897 -39.53 4.78 -0.93
CA PRO A 897 -40.37 3.59 -1.16
C PRO A 897 -40.09 2.35 -0.27
N ASP A 898 -41.12 1.52 -0.05
CA ASP A 898 -40.98 0.17 0.54
C ASP A 898 -40.00 -0.63 -0.31
N THR A 899 -39.61 -1.77 0.25
CA THR A 899 -38.76 -2.70 -0.44
C THR A 899 -39.59 -3.63 -1.36
N THR A 900 -40.93 -3.51 -1.35
CA THR A 900 -41.78 -4.35 -2.21
C THR A 900 -41.35 -4.36 -3.69
N LYS A 901 -41.57 -5.49 -4.35
CA LYS A 901 -41.10 -5.69 -5.74
C LYS A 901 -41.79 -4.80 -6.76
N LYS A 902 -43.04 -4.45 -6.52
CA LYS A 902 -43.78 -3.63 -7.48
C LYS A 902 -43.02 -2.38 -7.94
N TYR A 903 -42.24 -1.74 -7.05
CA TYR A 903 -41.49 -0.52 -7.38
C TYR A 903 -40.21 -0.76 -8.16
N GLU A 904 -39.52 -1.88 -7.92
CA GLU A 904 -38.34 -2.30 -8.71
C GLU A 904 -38.46 -2.05 -10.21
N VAL A 905 -39.64 -2.37 -10.77
CA VAL A 905 -39.95 -2.25 -12.20
C VAL A 905 -39.67 -0.85 -12.76
N ALA A 906 -39.87 0.20 -11.97
CA ALA A 906 -39.62 1.58 -12.43
C ALA A 906 -38.18 1.81 -12.92
N TRP A 907 -37.24 1.19 -12.24
CA TRP A 907 -35.82 1.20 -12.65
C TRP A 907 -35.50 0.41 -13.93
N LYS A 908 -36.44 -0.35 -14.50
CA LYS A 908 -36.19 -0.95 -15.83
C LYS A 908 -35.99 0.11 -16.89
N GLU A 909 -36.62 1.27 -16.71
CA GLU A 909 -36.52 2.33 -17.70
C GLU A 909 -35.15 2.99 -17.84
N ILE A 910 -34.25 2.73 -16.88
CA ILE A 910 -32.80 3.09 -16.96
C ILE A 910 -32.08 2.39 -18.12
N MET A 911 -32.55 1.21 -18.53
CA MET A 911 -31.83 0.36 -19.48
C MET A 911 -32.59 0.18 -20.78
N ASP A 912 -33.61 1.02 -21.02
CA ASP A 912 -34.53 0.91 -22.15
C ASP A 912 -34.40 2.23 -22.92
N GLU A 913 -34.14 2.12 -24.22
CA GLU A 913 -33.97 3.31 -25.08
C GLU A 913 -35.27 4.07 -25.34
N LYS A 914 -36.38 3.44 -25.02
CA LYS A 914 -37.70 4.05 -25.09
C LYS A 914 -37.97 4.81 -23.78
N GLY A 915 -37.28 4.42 -22.71
CA GLY A 915 -37.28 5.16 -21.46
C GLY A 915 -36.25 6.26 -21.39
N PHE A 916 -35.23 6.05 -20.55
CA PHE A 916 -34.24 7.07 -20.22
C PHE A 916 -32.86 6.83 -20.79
N SER A 917 -32.57 5.60 -21.21
CA SER A 917 -31.26 5.23 -21.76
C SER A 917 -31.06 5.90 -23.08
N ALA A 918 -30.07 6.78 -23.15
CA ALA A 918 -29.75 7.47 -24.39
C ALA A 918 -28.25 7.49 -24.60
N PRO A 919 -27.82 7.75 -25.84
CA PRO A 919 -26.41 7.76 -26.16
C PRO A 919 -25.47 8.49 -25.19
N TYR A 920 -25.87 9.65 -24.65
CA TYR A 920 -24.98 10.43 -23.76
C TYR A 920 -25.43 10.48 -22.27
N GLY A 921 -26.27 9.54 -21.85
CA GLY A 921 -26.69 9.44 -20.44
C GLY A 921 -28.19 9.31 -20.22
N LEU A 922 -28.72 9.93 -19.16
CA LEU A 922 -30.13 9.79 -18.83
C LEU A 922 -30.97 11.00 -19.25
N THR A 923 -32.09 10.74 -19.91
CA THR A 923 -33.01 11.79 -20.33
C THR A 923 -33.86 12.25 -19.12
N THR A 924 -34.42 13.48 -19.22
CA THR A 924 -35.33 14.03 -18.18
C THR A 924 -36.79 13.54 -18.30
N ALA A 925 -37.13 13.00 -19.46
CA ALA A 925 -38.46 12.43 -19.72
C ALA A 925 -38.29 11.20 -20.54
N GLU A 926 -39.28 10.33 -20.52
CA GLU A 926 -39.20 9.07 -21.27
C GLU A 926 -39.24 9.35 -22.79
N ARG A 927 -38.37 8.70 -23.54
CA ARG A 927 -38.19 9.05 -24.96
C ARG A 927 -39.34 8.60 -25.83
N ARG A 928 -40.04 7.55 -25.40
CA ARG A 928 -41.24 7.02 -26.07
C ARG A 928 -42.43 7.96 -26.10
N HIS A 929 -42.41 9.02 -25.28
CA HIS A 929 -43.57 9.89 -25.15
C HIS A 929 -43.74 10.78 -26.38
N PRO A 930 -44.99 10.93 -26.88
CA PRO A 930 -45.30 11.84 -27.96
C PRO A 930 -44.71 13.24 -27.81
N GLU A 931 -44.88 13.83 -26.64
CA GLU A 931 -44.40 15.20 -26.40
C GLU A 931 -42.90 15.36 -26.04
N PHE A 932 -42.10 14.29 -26.15
CA PHE A 932 -40.66 14.36 -25.83
C PHE A 932 -39.91 15.42 -26.68
N ARG A 933 -39.38 16.45 -26.02
CA ARG A 933 -38.54 17.47 -26.65
C ARG A 933 -39.25 18.11 -27.81
N THR A 934 -40.36 18.78 -27.48
CA THR A 934 -41.27 19.42 -28.47
C THR A 934 -41.54 20.90 -28.16
N ARG A 935 -40.76 21.52 -27.26
CA ARG A 935 -40.92 22.92 -26.89
C ARG A 935 -39.63 23.71 -27.24
N GLY A 936 -39.11 23.44 -28.43
CA GLY A 936 -37.95 24.17 -28.98
C GLY A 936 -36.67 23.90 -28.22
N VAL A 937 -35.59 24.58 -28.63
CA VAL A 937 -34.25 24.31 -28.08
C VAL A 937 -33.43 25.55 -27.73
N GLY A 938 -32.53 25.41 -26.76
CA GLY A 938 -31.57 26.48 -26.40
C GLY A 938 -32.04 27.55 -25.42
N LYS A 939 -33.20 27.31 -24.81
CA LYS A 939 -33.83 28.20 -23.80
C LYS A 939 -34.23 27.41 -22.58
N CYS A 940 -33.38 26.48 -22.19
CA CYS A 940 -33.53 25.72 -20.94
C CYS A 940 -34.83 24.94 -20.69
N GLU A 941 -35.03 23.89 -21.52
CA GLU A 941 -36.22 23.02 -21.52
C GLU A 941 -35.96 21.66 -20.88
N TRP A 942 -36.95 21.16 -20.13
CA TRP A 942 -36.84 19.93 -19.31
C TRP A 942 -37.75 18.76 -19.77
N ASP A 943 -38.03 18.72 -21.08
CA ASP A 943 -38.97 17.76 -21.65
C ASP A 943 -38.24 16.62 -22.43
N GLY A 944 -37.02 16.29 -21.99
CA GLY A 944 -36.26 15.20 -22.57
C GLY A 944 -34.76 15.34 -22.43
N ALA A 945 -34.26 16.55 -22.65
CA ALA A 945 -32.82 16.80 -22.74
C ALA A 945 -32.10 16.37 -21.45
N ILE A 946 -30.82 16.04 -21.56
CA ILE A 946 -30.04 15.58 -20.43
C ILE A 946 -29.64 16.80 -19.62
N TRP A 947 -29.99 16.79 -18.34
CA TRP A 947 -29.65 17.87 -17.40
C TRP A 947 -28.82 17.25 -16.27
N PRO A 948 -27.54 17.66 -16.16
CA PRO A 948 -26.71 17.21 -15.04
C PRO A 948 -27.41 17.24 -13.67
N PHE A 949 -28.15 18.31 -13.39
CA PHE A 949 -28.98 18.42 -12.20
C PHE A 949 -29.78 17.13 -12.00
N ALA A 950 -30.51 16.71 -13.03
CA ALA A 950 -31.37 15.52 -12.94
C ALA A 950 -30.55 14.26 -12.84
N SER A 951 -29.59 14.15 -13.75
CA SER A 951 -28.70 12.99 -13.81
C SER A 951 -28.16 12.65 -12.41
N ALA A 952 -27.69 13.68 -11.69
CA ALA A 952 -27.16 13.52 -10.34
C ALA A 952 -28.23 13.12 -9.32
N GLN A 953 -29.43 13.69 -9.42
CA GLN A 953 -30.51 13.20 -8.58
C GLN A 953 -30.79 11.73 -8.90
N THR A 954 -30.84 11.39 -10.18
CA THR A 954 -31.13 10.01 -10.58
C THR A 954 -30.05 9.04 -10.11
N LEU A 955 -28.77 9.41 -10.19
CA LEU A 955 -27.64 8.52 -9.86
C LEU A 955 -27.47 8.33 -8.35
N THR A 956 -27.62 9.41 -7.59
CA THR A 956 -27.72 9.34 -6.14
C THR A 956 -28.83 8.38 -5.67
N ALA A 957 -29.97 8.42 -6.37
CA ALA A 957 -31.16 7.60 -6.06
C ALA A 957 -30.95 6.15 -6.46
N MET A 958 -30.46 5.96 -7.68
CA MET A 958 -30.01 4.65 -8.16
C MET A 958 -28.98 4.03 -7.21
N ALA A 959 -28.09 4.87 -6.67
CA ALA A 959 -27.09 4.44 -5.69
C ALA A 959 -27.78 3.93 -4.44
N ASN A 960 -28.73 4.73 -3.96
CA ASN A 960 -29.51 4.39 -2.75
C ASN A 960 -30.31 3.12 -2.97
N PHE A 961 -30.88 2.99 -4.16
CA PHE A 961 -31.66 1.81 -4.50
C PHE A 961 -30.75 0.60 -4.34
N MET A 962 -29.66 0.61 -5.11
CA MET A 962 -28.76 -0.52 -5.19
C MET A 962 -28.10 -0.87 -3.88
N ASN A 963 -27.89 0.13 -3.01
CA ASN A 963 -27.27 -0.08 -1.69
C ASN A 963 -28.26 -0.58 -0.62
N ASN A 964 -29.43 0.06 -0.52
CA ASN A 964 -30.37 -0.14 0.59
C ASN A 964 -31.60 -1.01 0.27
N TYR A 965 -31.76 -1.51 -0.95
CA TYR A 965 -32.96 -2.28 -1.32
C TYR A 965 -32.61 -3.66 -1.88
N PRO A 966 -33.35 -4.72 -1.47
CA PRO A 966 -33.15 -6.02 -2.11
C PRO A 966 -33.71 -5.92 -3.53
N GLN A 967 -32.92 -6.28 -4.54
CA GLN A 967 -33.07 -5.68 -5.86
C GLN A 967 -32.30 -6.44 -6.91
N THR A 968 -32.99 -6.79 -7.99
CA THR A 968 -32.46 -7.67 -9.06
C THR A 968 -32.44 -7.03 -10.46
N VAL A 969 -32.93 -5.80 -10.60
CA VAL A 969 -33.11 -5.16 -11.91
C VAL A 969 -31.81 -4.57 -12.52
N LEU A 970 -30.95 -4.02 -11.68
CA LEU A 970 -29.78 -3.29 -12.11
C LEU A 970 -28.48 -3.92 -11.60
N SER A 971 -27.52 -4.13 -12.49
CA SER A 971 -26.20 -4.63 -12.11
C SER A 971 -25.20 -3.50 -11.83
N ASP A 972 -24.06 -3.87 -11.25
CA ASP A 972 -22.89 -3.01 -11.12
C ASP A 972 -22.60 -2.31 -12.46
N SER A 973 -22.63 -3.12 -13.53
CA SER A 973 -22.35 -2.68 -14.89
C SER A 973 -23.27 -1.55 -15.34
N VAL A 974 -24.53 -1.61 -14.94
CA VAL A 974 -25.52 -0.62 -15.36
C VAL A 974 -25.24 0.72 -14.69
N TYR A 975 -24.88 0.70 -13.40
CA TYR A 975 -24.55 1.93 -12.69
C TYR A 975 -23.29 2.53 -13.35
N PHE A 976 -22.27 1.71 -13.49
CA PHE A 976 -21.01 2.18 -14.04
C PHE A 976 -21.21 2.84 -15.41
N ARG A 977 -22.03 2.21 -16.26
CA ARG A 977 -22.32 2.67 -17.63
C ARG A 977 -22.78 4.12 -17.60
N GLN A 978 -23.78 4.41 -16.77
CA GLN A 978 -24.32 5.78 -16.67
C GLN A 978 -23.37 6.85 -16.17
N MET A 979 -22.53 6.47 -15.21
CA MET A 979 -21.47 7.35 -14.72
C MET A 979 -20.41 7.53 -15.78
N GLU A 980 -20.02 6.46 -16.44
CA GLU A 980 -19.13 6.58 -17.59
C GLU A 980 -19.72 7.53 -18.67
N LEU A 981 -21.00 7.36 -19.01
CA LEU A 981 -21.64 8.26 -19.99
C LEU A 981 -21.67 9.72 -19.51
N TYR A 982 -21.92 9.91 -18.22
CA TYR A 982 -21.86 11.23 -17.61
C TYR A 982 -20.45 11.82 -17.75
N VAL A 983 -19.42 11.00 -17.61
CA VAL A 983 -18.04 11.45 -17.81
C VAL A 983 -17.85 11.89 -19.26
N GLU A 984 -18.14 10.98 -20.18
CA GLU A 984 -18.03 11.27 -21.61
C GLU A 984 -18.79 12.56 -22.03
N SER A 985 -19.96 12.79 -21.42
CA SER A 985 -20.81 13.94 -21.75
C SER A 985 -20.22 15.25 -21.35
N GLN A 986 -19.36 15.27 -20.32
CA GLN A 986 -18.72 16.51 -19.81
C GLN A 986 -17.44 16.91 -20.53
N TYR A 987 -17.54 17.02 -21.85
CA TYR A 987 -16.46 17.51 -22.66
C TYR A 987 -17.08 18.41 -23.72
N HIS A 988 -16.25 19.30 -24.25
CA HIS A 988 -16.67 20.29 -25.22
C HIS A 988 -15.43 20.76 -25.94
N ARG A 989 -15.43 20.68 -27.26
CA ARG A 989 -14.25 21.06 -28.04
C ARG A 989 -13.00 20.32 -27.58
N GLY A 990 -13.18 19.09 -27.10
CA GLY A 990 -12.07 18.25 -26.71
C GLY A 990 -11.49 18.45 -25.31
N ARG A 991 -12.05 19.41 -24.55
CA ARG A 991 -11.61 19.73 -23.21
C ARG A 991 -12.75 19.37 -22.27
N PRO A 992 -12.49 19.24 -20.96
CA PRO A 992 -13.60 19.09 -20.02
C PRO A 992 -14.51 20.32 -19.95
N TYR A 993 -15.80 20.07 -19.71
CA TYR A 993 -16.84 21.10 -19.72
C TYR A 993 -18.04 20.63 -18.91
N ILE A 994 -18.50 21.42 -17.94
CA ILE A 994 -19.80 21.18 -17.30
C ILE A 994 -20.74 22.36 -17.55
N GLY A 995 -21.60 22.18 -18.56
CA GLY A 995 -22.63 23.14 -18.92
C GLY A 995 -23.98 22.89 -18.29
N GLU A 996 -24.96 23.58 -18.87
CA GLU A 996 -26.30 23.58 -18.33
C GLU A 996 -27.02 22.32 -18.71
N TYR A 997 -27.08 22.06 -19.99
CA TYR A 997 -27.81 20.91 -20.47
C TYR A 997 -27.42 20.54 -21.88
N LEU A 998 -27.68 19.28 -22.23
CA LEU A 998 -27.12 18.72 -23.43
C LEU A 998 -28.08 17.80 -24.14
N ASP A 999 -27.87 17.69 -25.45
CA ASP A 999 -28.65 16.86 -26.36
C ASP A 999 -28.37 15.39 -26.08
N GLU A 1000 -29.44 14.60 -25.92
CA GLU A 1000 -29.34 13.20 -25.48
C GLU A 1000 -28.82 12.25 -26.56
N VAL A 1001 -28.85 12.68 -27.84
CA VAL A 1001 -28.36 11.86 -28.95
C VAL A 1001 -26.97 12.26 -29.46
N THR A 1002 -26.74 13.58 -29.59
CA THR A 1002 -25.49 14.14 -30.16
C THR A 1002 -24.43 14.54 -29.14
N GLY A 1003 -24.82 14.68 -27.89
CA GLY A 1003 -23.91 15.12 -26.86
C GLY A 1003 -23.65 16.60 -26.90
N TYR A 1004 -24.34 17.33 -27.76
CA TYR A 1004 -24.15 18.78 -27.91
C TYR A 1004 -24.61 19.52 -26.65
N TRP A 1005 -23.75 20.34 -26.08
CA TRP A 1005 -24.19 21.24 -25.01
C TRP A 1005 -24.98 22.34 -25.68
N LEU A 1006 -26.23 22.50 -25.24
CA LEU A 1006 -27.26 23.24 -26.01
C LEU A 1006 -27.23 24.78 -25.95
N LYS A 1007 -26.37 25.37 -25.12
CA LYS A 1007 -26.10 26.79 -25.21
C LYS A 1007 -24.79 27.06 -25.96
N GLY A 1008 -24.16 25.99 -26.44
CA GLY A 1008 -23.02 26.15 -27.31
C GLY A 1008 -21.85 26.80 -26.62
N ASP A 1009 -21.26 27.76 -27.31
CA ASP A 1009 -20.04 28.41 -26.83
C ASP A 1009 -20.33 29.69 -26.03
N GLN A 1010 -21.61 29.96 -25.69
CA GLN A 1010 -22.02 31.06 -24.80
C GLN A 1010 -21.35 30.92 -23.42
N GLU A 1011 -20.99 32.06 -22.85
CA GLU A 1011 -20.16 32.11 -21.64
C GLU A 1011 -20.91 31.58 -20.43
N ARG A 1012 -22.19 31.94 -20.34
CA ARG A 1012 -23.06 31.57 -19.22
C ARG A 1012 -23.09 30.09 -18.80
N SER A 1013 -22.98 29.18 -19.77
CA SER A 1013 -22.97 27.77 -19.44
C SER A 1013 -21.63 27.28 -18.84
N ARG A 1014 -20.56 28.09 -18.89
CA ARG A 1014 -19.22 27.59 -18.49
C ARG A 1014 -19.03 27.39 -16.98
N TYR A 1015 -18.60 26.20 -16.63
CA TYR A 1015 -18.32 25.81 -15.22
C TYR A 1015 -19.59 25.72 -14.36
N TYR A 1016 -20.76 25.67 -15.00
CA TYR A 1016 -22.05 25.67 -14.33
C TYR A 1016 -22.11 24.71 -13.13
N ASN A 1017 -22.58 25.22 -11.99
CA ASN A 1017 -22.56 24.52 -10.71
C ASN A 1017 -23.99 24.24 -10.29
N HIS A 1018 -24.54 23.17 -10.84
CA HIS A 1018 -25.97 22.91 -10.81
C HIS A 1018 -26.23 21.40 -10.71
N SER A 1019 -25.29 20.68 -10.13
CA SER A 1019 -25.30 19.22 -10.11
C SER A 1019 -24.24 18.72 -9.16
N THR A 1020 -24.17 17.41 -9.00
CA THR A 1020 -23.03 16.76 -8.36
C THR A 1020 -22.30 15.90 -9.38
N PHE A 1021 -21.12 15.48 -8.95
CA PHE A 1021 -20.35 14.50 -9.65
C PHE A 1021 -19.43 13.78 -8.68
N ASN A 1022 -18.57 14.53 -8.01
CA ASN A 1022 -17.69 13.91 -7.03
C ASN A 1022 -18.40 13.30 -5.80
N ASP A 1023 -19.60 13.76 -5.46
CA ASP A 1023 -20.38 13.08 -4.45
C ASP A 1023 -20.67 11.72 -5.02
N LEU A 1024 -21.05 11.66 -6.29
CA LEU A 1024 -21.43 10.39 -6.92
C LEU A 1024 -20.24 9.44 -6.99
N MET A 1025 -19.06 9.99 -7.29
CA MET A 1025 -17.83 9.19 -7.36
C MET A 1025 -17.53 8.52 -6.02
N ILE A 1026 -17.61 9.32 -4.97
CA ILE A 1026 -17.27 8.92 -3.61
C ILE A 1026 -18.37 8.06 -2.97
N THR A 1027 -19.64 8.41 -3.17
CA THR A 1027 -20.77 7.72 -2.45
C THR A 1027 -21.44 6.58 -3.21
N GLY A 1028 -21.37 6.64 -4.52
CA GLY A 1028 -21.92 5.60 -5.36
C GLY A 1028 -20.86 4.68 -5.90
N LEU A 1029 -19.90 5.26 -6.63
CA LEU A 1029 -18.93 4.50 -7.43
C LEU A 1029 -17.89 3.80 -6.58
N ILE A 1030 -17.10 4.58 -5.84
CA ILE A 1030 -16.23 4.08 -4.78
C ILE A 1030 -17.12 3.53 -3.67
N GLY A 1031 -18.27 4.17 -3.45
CA GLY A 1031 -19.30 3.61 -2.58
C GLY A 1031 -19.05 3.74 -1.09
N LEU A 1032 -18.43 4.84 -0.65
CA LEU A 1032 -18.39 5.18 0.77
C LEU A 1032 -19.79 5.65 1.11
N ARG A 1033 -20.48 4.89 1.96
CA ARG A 1033 -21.86 5.19 2.33
C ARG A 1033 -21.93 5.93 3.68
N PRO A 1034 -22.24 7.25 3.67
CA PRO A 1034 -22.16 7.96 4.95
C PRO A 1034 -23.24 7.57 5.92
N ARG A 1035 -22.90 7.55 7.22
CA ARG A 1035 -23.81 7.11 8.29
C ARG A 1035 -23.78 7.97 9.54
N LEU A 1036 -24.81 7.82 10.36
CA LEU A 1036 -24.95 8.60 11.60
C LEU A 1036 -23.97 8.11 12.66
N ASP A 1037 -23.62 6.83 12.60
CA ASP A 1037 -22.85 6.16 13.66
C ASP A 1037 -21.38 5.95 13.28
N ASP A 1038 -20.69 5.13 14.07
CA ASP A 1038 -19.24 4.94 13.99
C ASP A 1038 -18.79 3.71 13.21
N THR A 1039 -19.76 3.06 12.58
CA THR A 1039 -19.46 2.08 11.57
C THR A 1039 -19.05 2.84 10.27
N ILE A 1040 -18.10 2.23 9.56
CA ILE A 1040 -17.67 2.65 8.22
C ILE A 1040 -18.23 1.61 7.28
N GLU A 1041 -19.02 2.05 6.30
CA GLU A 1041 -19.65 1.17 5.31
C GLU A 1041 -19.17 1.56 3.93
N ILE A 1042 -18.47 0.66 3.23
CA ILE A 1042 -18.24 0.82 1.78
C ILE A 1042 -18.97 -0.26 0.99
N ASN A 1043 -19.22 0.02 -0.29
CA ASN A 1043 -19.82 -0.95 -1.21
C ASN A 1043 -19.69 -0.46 -2.66
N PRO A 1044 -18.47 -0.57 -3.21
CA PRO A 1044 -18.22 -0.10 -4.57
C PRO A 1044 -19.22 -0.67 -5.55
N LEU A 1045 -19.60 0.16 -6.52
CA LEU A 1045 -20.40 -0.27 -7.67
C LEU A 1045 -19.56 -0.30 -8.96
N ILE A 1046 -18.25 -0.40 -8.80
CA ILE A 1046 -17.38 -0.75 -9.89
C ILE A 1046 -17.50 -2.27 -10.01
N PRO A 1047 -17.86 -2.78 -11.22
CA PRO A 1047 -18.00 -4.22 -11.38
C PRO A 1047 -16.70 -4.99 -11.24
N ALA A 1048 -16.84 -6.29 -11.02
CA ALA A 1048 -15.70 -7.17 -10.89
C ALA A 1048 -14.89 -7.06 -12.18
N ASP A 1049 -13.59 -6.78 -12.05
CA ASP A 1049 -12.67 -6.73 -13.19
C ASP A 1049 -12.83 -5.51 -14.09
N LYS A 1050 -13.55 -4.49 -13.65
CA LYS A 1050 -13.59 -3.28 -14.46
C LYS A 1050 -12.22 -2.63 -14.38
N TRP A 1051 -11.65 -2.57 -13.18
CA TRP A 1051 -10.36 -1.93 -12.94
C TRP A 1051 -9.41 -2.77 -12.07
N ASP A 1052 -8.16 -2.93 -12.52
CA ASP A 1052 -7.14 -3.65 -11.73
C ASP A 1052 -6.78 -2.98 -10.41
N TRP A 1053 -7.05 -1.68 -10.29
CA TRP A 1053 -6.81 -0.95 -9.06
C TRP A 1053 -7.55 0.37 -9.10
N PHE A 1054 -7.80 0.92 -7.91
CA PHE A 1054 -8.36 2.28 -7.75
C PHE A 1054 -8.18 2.67 -6.29
N CYS A 1055 -8.26 3.96 -5.98
CA CYS A 1055 -8.04 4.42 -4.59
C CYS A 1055 -8.65 5.80 -4.31
N LEU A 1056 -9.44 5.88 -3.26
CA LEU A 1056 -9.92 7.15 -2.76
C LEU A 1056 -9.21 7.37 -1.44
N ASP A 1057 -8.43 8.44 -1.38
CA ASP A 1057 -7.53 8.74 -0.26
C ASP A 1057 -7.82 10.13 0.23
N ASN A 1058 -7.27 10.46 1.40
CA ASN A 1058 -7.36 11.81 2.01
C ASN A 1058 -8.80 12.24 2.23
N VAL A 1059 -9.65 11.32 2.65
CA VAL A 1059 -11.03 11.66 2.91
C VAL A 1059 -11.17 12.05 4.38
N LEU A 1060 -11.83 13.18 4.65
CA LEU A 1060 -12.12 13.56 6.04
C LEU A 1060 -13.54 13.14 6.42
N TYR A 1061 -13.69 11.87 6.77
CA TYR A 1061 -14.93 11.34 7.33
C TYR A 1061 -14.81 11.27 8.87
N HIS A 1062 -15.71 12.00 9.56
CA HIS A 1062 -15.84 11.93 11.02
C HIS A 1062 -14.57 12.32 11.80
N GLY A 1063 -13.79 13.27 11.29
CA GLY A 1063 -12.54 13.68 11.96
C GLY A 1063 -11.39 12.67 11.93
N HIS A 1064 -11.52 11.66 11.08
CA HIS A 1064 -10.50 10.67 10.85
C HIS A 1064 -10.21 10.67 9.36
N ASN A 1065 -9.00 10.27 8.98
CA ASN A 1065 -8.62 10.23 7.57
C ASN A 1065 -8.74 8.84 6.95
N LEU A 1066 -9.72 8.70 6.03
CA LEU A 1066 -10.00 7.41 5.35
C LEU A 1066 -9.33 7.27 3.98
N THR A 1067 -8.81 6.07 3.74
CA THR A 1067 -8.38 5.63 2.43
C THR A 1067 -9.15 4.35 2.08
N ILE A 1068 -9.64 4.26 0.84
CA ILE A 1068 -10.35 3.08 0.34
C ILE A 1068 -9.65 2.70 -0.95
N LEU A 1069 -9.13 1.48 -1.01
CA LEU A 1069 -8.40 1.02 -2.19
C LEU A 1069 -8.67 -0.42 -2.59
N TRP A 1070 -8.44 -0.67 -3.87
CA TRP A 1070 -8.58 -1.97 -4.54
C TRP A 1070 -7.31 -2.23 -5.34
N ASP A 1071 -6.75 -3.41 -5.18
CA ASP A 1071 -5.50 -3.79 -5.84
C ASP A 1071 -5.62 -5.28 -6.17
N LYS A 1072 -5.90 -5.58 -7.42
CA LYS A 1072 -6.23 -6.95 -7.82
C LYS A 1072 -5.06 -7.88 -7.57
N ASN A 1073 -3.88 -7.43 -8.00
CA ASN A 1073 -2.63 -8.24 -7.99
C ASN A 1073 -1.64 -7.87 -6.88
N GLY A 1074 -1.90 -6.77 -6.19
CA GLY A 1074 -1.12 -6.38 -5.02
C GLY A 1074 0.03 -5.46 -5.32
N ASP A 1075 0.23 -5.19 -6.61
CA ASP A 1075 1.44 -4.54 -7.11
C ASP A 1075 1.29 -3.04 -7.31
N ARG A 1076 0.11 -2.49 -7.07
CA ARG A 1076 -0.12 -1.07 -7.26
C ARG A 1076 0.27 -0.29 -6.03
N TYR A 1077 -0.17 -0.76 -4.88
CA TYR A 1077 0.09 -0.08 -3.60
C TYR A 1077 1.02 -0.85 -2.65
N HIS A 1078 1.16 -2.17 -2.87
CA HIS A 1078 2.02 -3.07 -2.06
C HIS A 1078 1.60 -3.09 -0.59
N CYS A 1079 0.30 -3.32 -0.33
CA CYS A 1079 -0.22 -3.47 1.03
C CYS A 1079 -1.20 -4.64 1.13
N GLY A 1080 -1.10 -5.58 0.20
CA GLY A 1080 -2.05 -6.67 0.07
C GLY A 1080 -2.93 -6.56 -1.17
N LYS A 1081 -3.48 -7.72 -1.54
CA LYS A 1081 -4.45 -7.82 -2.59
C LYS A 1081 -5.82 -7.45 -2.09
N GLY A 1082 -6.73 -7.25 -3.02
CA GLY A 1082 -8.12 -6.98 -2.70
C GLY A 1082 -8.43 -5.55 -2.28
N LEU A 1083 -9.56 -5.42 -1.57
CA LEU A 1083 -10.18 -4.17 -1.20
C LEU A 1083 -9.82 -3.90 0.23
N ARG A 1084 -9.41 -2.67 0.56
CA ARG A 1084 -8.97 -2.35 1.92
C ARG A 1084 -9.39 -0.95 2.39
N ILE A 1085 -9.81 -0.84 3.64
CA ILE A 1085 -10.03 0.46 4.29
C ILE A 1085 -8.92 0.76 5.31
N PHE A 1086 -8.38 1.98 5.25
CA PHE A 1086 -7.35 2.45 6.15
C PHE A 1086 -7.89 3.68 6.88
N VAL A 1087 -7.88 3.63 8.21
CA VAL A 1087 -8.15 4.81 9.04
C VAL A 1087 -6.82 5.36 9.64
N ASN A 1088 -6.45 6.55 9.16
CA ASN A 1088 -5.19 7.20 9.48
C ASN A 1088 -4.02 6.34 9.13
N GLY A 1089 -4.11 5.67 7.98
CA GLY A 1089 -3.01 4.83 7.48
C GLY A 1089 -2.79 3.48 8.16
N LYS A 1090 -3.71 3.08 9.05
CA LYS A 1090 -3.72 1.75 9.63
C LYS A 1090 -4.96 1.05 9.08
N GLU A 1091 -4.77 -0.16 8.57
CA GLU A 1091 -5.83 -0.94 7.98
C GLU A 1091 -6.95 -1.19 9.00
N ALA A 1092 -8.19 -1.09 8.56
CA ALA A 1092 -9.35 -1.34 9.41
C ALA A 1092 -10.23 -2.52 8.93
N GLY A 1093 -9.97 -3.05 7.75
CA GLY A 1093 -10.81 -4.09 7.20
C GLY A 1093 -10.39 -4.40 5.78
N HIS A 1094 -10.87 -5.53 5.30
CA HIS A 1094 -10.36 -6.09 4.06
C HIS A 1094 -11.37 -7.05 3.44
N ALA A 1095 -11.24 -7.27 2.14
CA ALA A 1095 -12.14 -8.16 1.45
C ALA A 1095 -11.46 -8.61 0.18
N ASP A 1096 -11.61 -9.89 -0.12
CA ASP A 1096 -10.93 -10.51 -1.28
C ASP A 1096 -11.46 -10.03 -2.61
N THR A 1097 -12.76 -9.74 -2.66
CA THR A 1097 -13.39 -9.12 -3.81
C THR A 1097 -13.95 -7.73 -3.47
N LEU A 1098 -14.54 -7.10 -4.49
CA LEU A 1098 -15.38 -5.93 -4.33
C LEU A 1098 -16.80 -6.38 -3.94
N THR A 1099 -17.12 -6.33 -2.64
CA THR A 1099 -18.52 -6.36 -2.16
C THR A 1099 -18.58 -5.38 -1.00
N ARG A 1100 -19.77 -5.27 -0.37
CA ARG A 1100 -19.98 -4.58 0.91
C ARG A 1100 -18.91 -5.04 1.93
N LEU A 1101 -18.20 -4.06 2.49
CA LEU A 1101 -17.21 -4.29 3.52
C LEU A 1101 -17.51 -3.27 4.58
N VAL A 1102 -17.74 -3.74 5.80
CA VAL A 1102 -18.17 -2.90 6.92
C VAL A 1102 -17.18 -3.07 8.08
N CYS A 1103 -16.73 -1.96 8.68
CA CYS A 1103 -15.82 -1.98 9.84
C CYS A 1103 -16.46 -1.32 11.06
N GLU A 1104 -16.81 -2.15 12.06
CA GLU A 1104 -17.55 -1.65 13.22
C GLU A 1104 -16.64 -0.95 14.17
N ASN A 1105 -17.15 0.14 14.75
CA ASN A 1105 -16.46 0.90 15.81
C ASN A 1105 -14.93 0.93 15.55
N ALA A 1106 -14.55 1.74 14.56
CA ALA A 1106 -13.16 2.09 14.29
C ALA A 1106 -13.01 3.63 14.21
N LEU A 1107 -13.87 4.36 14.95
CA LEU A 1107 -13.81 5.83 15.02
C LEU A 1107 -14.02 6.36 16.43
#